data_7Y0T
#
_entry.id   7Y0T
#
_cell.length_a   57.483
_cell.length_b   144.354
_cell.length_c   63.236
_cell.angle_alpha   90.000
_cell.angle_beta   100.340
_cell.angle_gamma   90.000
#
_symmetry.space_group_name_H-M   'P 1 21 1'
#
loop_
_entity.id
_entity.type
_entity.pdbx_description
1 polymer 'Bifunctional cytochrome P450/NADPH--P450 reductase'
2 polymer I7X-PHE-PHE
3 non-polymer 'PROTOPORPHYRIN IX CONTAINING FE'
4 water water
#
loop_
_entity_poly.entity_id
_entity_poly.type
_entity_poly.pdbx_seq_one_letter_code
_entity_poly.pdbx_strand_id
1 'polypeptide(L)'
;GMTIKEMPQPKTFGELKNLPLLNTDKPVQALMKIADELGEIFKFEAPGRVTRYLSSQRLIKEACDESRFDKNLSQALKFV
RDFAGDGLATSWTHEKNWKKAHNILLPSFSQQAMKGYHAMMVDIAVQLVQKWERLNADEHIEVPEDMTRLTLDTIGLCGF
NYRFNSFYRDQPHPFITSMVRALDEAMNKLQRANPDDPAYDENKRQFQEDIKVMNDLVDKIIADRKASGEQSDDLLTHML
NGKDPETGEPLDDENIRYQIITFLIAGHETTSGLLSFALYFLVKNPHVLQKAAEEAARVLVDPVPSYKQVKQLKYVGMVL
NEALRLWPTAPAFSLYAKEDTVLGGEYPLEKGDELMVLIPQLHRDKTIWGDDVEEFRPERFENPSAIPQHAFKPFGNGQR
ACIGQQFALHEATLVLGMMLKHFDFEDHTNYELDIKETLTLKPEGFVVKAKSKKIPLLEHHHHHH
;
B,A
2 'polypeptide(L)' (I7X)FF C,D
#
loop_
_chem_comp.id
_chem_comp.type
_chem_comp.name
_chem_comp.formula
HEM non-polymer 'PROTOPORPHYRIN IX CONTAINING FE' 'C34 H32 Fe N4 O4'
I7X non-polymer '6-imidazol-1-ylhexanoic acid' 'C9 H14 N2 O2'
#
# COMPACT_ATOMS: atom_id res chain seq x y z
N LYS A 5 16.00 28.56 -11.27
CA LYS A 5 15.88 29.57 -10.22
C LYS A 5 14.63 30.41 -10.46
N GLU A 6 14.68 31.31 -11.45
CA GLU A 6 13.53 32.16 -11.74
C GLU A 6 12.40 31.32 -12.35
N MET A 7 11.21 31.49 -11.82
CA MET A 7 10.12 30.62 -12.23
C MET A 7 9.27 31.29 -13.29
N PRO A 8 9.01 30.63 -14.42
CA PRO A 8 8.17 31.26 -15.46
C PRO A 8 6.80 31.59 -14.93
N GLN A 9 6.18 32.57 -15.59
CA GLN A 9 4.85 32.96 -15.21
C GLN A 9 4.18 33.36 -16.51
N PRO A 10 2.95 32.91 -16.75
CA PRO A 10 2.26 33.32 -17.98
C PRO A 10 1.90 34.79 -17.89
N LYS A 11 1.38 35.31 -19.02
CA LYS A 11 1.11 36.74 -19.13
C LYS A 11 0.17 37.21 -18.04
N THR A 12 0.39 38.45 -17.60
CA THR A 12 -0.38 39.03 -16.51
C THR A 12 -1.32 40.11 -17.06
N PHE A 13 -2.30 40.45 -16.23
CA PHE A 13 -3.33 41.41 -16.57
C PHE A 13 -3.35 42.49 -15.50
N GLY A 14 -2.22 43.16 -15.34
CA GLY A 14 -2.10 44.19 -14.33
C GLY A 14 -2.43 43.63 -12.95
N GLU A 15 -3.38 44.28 -12.29
CA GLU A 15 -3.74 43.91 -10.93
C GLU A 15 -4.29 42.50 -10.87
N LEU A 16 -5.00 42.06 -11.92
CA LEU A 16 -5.61 40.74 -11.91
C LEU A 16 -4.60 39.62 -12.02
N LYS A 17 -3.33 39.95 -12.24
CA LYS A 17 -2.24 38.98 -12.32
C LYS A 17 -2.62 37.97 -13.39
N ASN A 18 -2.65 36.67 -13.09
CA ASN A 18 -2.93 35.66 -14.10
C ASN A 18 -4.37 35.23 -14.11
N LEU A 19 -5.18 35.74 -13.18
CA LEU A 19 -6.54 35.24 -13.04
C LEU A 19 -7.34 35.24 -14.33
N PRO A 20 -7.28 36.27 -15.18
CA PRO A 20 -8.10 36.22 -16.40
C PRO A 20 -7.73 35.08 -17.31
N LEU A 21 -6.56 34.49 -17.14
CA LEU A 21 -6.20 33.32 -17.94
C LEU A 21 -7.14 32.15 -17.67
N LEU A 22 -7.69 32.09 -16.46
CA LEU A 22 -8.69 31.07 -16.14
C LEU A 22 -10.09 31.47 -16.55
N ASN A 23 -10.31 32.73 -16.90
CA ASN A 23 -11.63 33.16 -17.38
C ASN A 23 -11.79 32.74 -18.84
N THR A 24 -11.82 31.43 -19.03
CA THR A 24 -11.93 30.78 -20.32
C THR A 24 -12.70 29.49 -20.09
N ASP A 25 -13.40 29.00 -21.11
CA ASP A 25 -14.23 27.85 -20.75
C ASP A 25 -13.45 26.54 -20.68
N LYS A 26 -12.16 26.54 -21.02
CA LYS A 26 -11.33 25.35 -20.93
C LYS A 26 -10.06 25.66 -20.15
N PRO A 27 -10.18 25.92 -18.84
CA PRO A 27 -9.00 26.42 -18.09
C PRO A 27 -7.90 25.40 -17.97
N VAL A 28 -8.24 24.12 -17.76
CA VAL A 28 -7.22 23.08 -17.70
C VAL A 28 -6.47 23.03 -19.02
N GLN A 29 -7.22 23.03 -20.12
CA GLN A 29 -6.54 23.04 -21.40
C GLN A 29 -5.73 24.31 -21.59
N ALA A 30 -6.23 25.45 -21.09
CA ALA A 30 -5.44 26.67 -21.09
C ALA A 30 -4.16 26.49 -20.28
N LEU A 31 -4.29 25.92 -19.09
CA LEU A 31 -3.12 25.71 -18.25
C LEU A 31 -2.15 24.74 -18.90
N MET A 32 -2.68 23.74 -19.59
CA MET A 32 -1.82 22.81 -20.29
C MET A 32 -1.04 23.50 -21.39
N LYS A 33 -1.71 24.36 -22.17
CA LYS A 33 -0.99 25.12 -23.18
C LYS A 33 0.05 26.03 -22.55
N ILE A 34 -0.29 26.68 -21.44
CA ILE A 34 0.72 27.46 -20.72
C ILE A 34 1.89 26.58 -20.33
N ALA A 35 1.60 25.40 -19.75
CA ALA A 35 2.68 24.49 -19.41
C ALA A 35 3.48 24.09 -20.64
N ASP A 36 2.80 23.92 -21.79
CA ASP A 36 3.54 23.69 -23.03
C ASP A 36 4.52 24.80 -23.31
N GLU A 37 4.10 26.04 -23.07
CA GLU A 37 4.97 27.19 -23.32
C GLU A 37 6.01 27.35 -22.22
N LEU A 38 5.58 27.26 -20.97
CA LEU A 38 6.46 27.64 -19.88
C LEU A 38 7.23 26.46 -19.29
N GLY A 39 6.78 25.24 -19.54
CA GLY A 39 7.51 24.09 -19.08
C GLY A 39 6.96 23.50 -17.79
N GLU A 40 7.85 22.83 -17.06
CA GLU A 40 7.43 21.98 -15.96
C GLU A 40 6.87 22.73 -14.78
N ILE A 41 7.13 24.04 -14.66
CA ILE A 41 6.64 24.77 -13.50
C ILE A 41 6.38 26.21 -13.92
N PHE A 42 5.23 26.73 -13.52
CA PHE A 42 5.05 28.15 -13.68
C PHE A 42 4.27 28.69 -12.49
N LYS A 43 4.61 29.92 -12.14
CA LYS A 43 3.89 30.63 -11.11
C LYS A 43 2.58 31.12 -11.68
N PHE A 44 1.54 31.03 -10.88
CA PHE A 44 0.25 31.53 -11.27
C PHE A 44 -0.30 32.32 -10.11
N GLU A 45 -0.49 33.61 -10.34
CA GLU A 45 -0.95 34.52 -9.31
C GLU A 45 -2.35 34.97 -9.66
N ALA A 46 -3.18 35.07 -8.64
CA ALA A 46 -4.50 35.69 -8.70
C ALA A 46 -4.56 36.63 -7.52
N PRO A 47 -5.58 37.49 -7.47
CA PRO A 47 -5.79 38.28 -6.25
C PRO A 47 -5.85 37.40 -5.01
N GLY A 48 -4.97 37.69 -4.06
CA GLY A 48 -4.90 36.93 -2.81
C GLY A 48 -4.54 35.47 -2.99
N ARG A 49 -3.80 35.14 -4.05
CA ARG A 49 -3.51 33.74 -4.33
C ARG A 49 -2.24 33.63 -5.15
N VAL A 50 -1.33 32.76 -4.71
CA VAL A 50 -0.16 32.40 -5.49
C VAL A 50 -0.12 30.88 -5.54
N THR A 51 -0.01 30.34 -6.74
CA THR A 51 0.23 28.91 -6.81
C THR A 51 1.26 28.67 -7.89
N ARG A 52 1.74 27.43 -7.95
CA ARG A 52 2.73 27.02 -8.93
C ARG A 52 2.22 25.75 -9.58
N TYR A 53 2.04 25.78 -10.89
CA TYR A 53 1.56 24.63 -11.63
C TYR A 53 2.72 23.77 -12.04
N LEU A 54 2.71 22.52 -11.59
CA LEU A 54 3.74 21.55 -11.91
C LEU A 54 3.24 20.62 -13.00
N SER A 55 4.10 20.31 -13.94
CA SER A 55 3.74 19.51 -15.10
C SER A 55 4.70 18.36 -15.38
N SER A 56 5.85 18.31 -14.72
CA SER A 56 6.84 17.30 -15.01
C SER A 56 6.82 16.28 -13.89
N GLN A 57 7.01 15.03 -14.26
CA GLN A 57 7.16 13.98 -13.26
C GLN A 57 8.33 14.28 -12.33
N ARG A 58 9.39 14.90 -12.87
CA ARG A 58 10.55 15.28 -12.07
C ARG A 58 10.16 16.08 -10.84
N LEU A 59 9.30 17.10 -11.02
CA LEU A 59 8.90 17.93 -9.88
C LEU A 59 7.73 17.32 -9.12
N ILE A 60 6.81 16.71 -9.86
CA ILE A 60 5.62 16.19 -9.20
C ILE A 60 5.98 15.04 -8.31
N LYS A 61 7.02 14.27 -8.66
CA LYS A 61 7.42 13.20 -7.76
C LYS A 61 7.88 13.76 -6.41
N GLU A 62 8.45 14.96 -6.41
CA GLU A 62 8.78 15.61 -5.15
C GLU A 62 7.55 16.19 -4.48
N ALA A 63 6.67 16.82 -5.26
CA ALA A 63 5.43 17.33 -4.70
C ALA A 63 4.61 16.22 -4.05
N CYS A 64 4.76 14.97 -4.52
CA CYS A 64 4.02 13.85 -3.95
C CYS A 64 4.69 13.27 -2.71
N ASP A 65 5.82 13.82 -2.33
CA ASP A 65 6.43 13.46 -1.06
C ASP A 65 5.56 13.98 0.06
N GLU A 66 4.84 13.08 0.73
CA GLU A 66 3.92 13.56 1.75
C GLU A 66 4.64 14.12 2.97
N SER A 67 5.91 13.79 3.18
CA SER A 67 6.63 14.42 4.28
C SER A 67 6.90 15.88 4.02
N ARG A 68 6.84 16.31 2.77
CA ARG A 68 7.12 17.69 2.41
C ARG A 68 5.90 18.44 1.96
N PHE A 69 4.92 17.76 1.38
CA PHE A 69 3.74 18.46 0.89
C PHE A 69 2.48 17.75 1.34
N ASP A 70 1.49 18.54 1.75
CA ASP A 70 0.19 18.02 2.10
C ASP A 70 -0.81 18.55 1.10
N LYS A 71 -1.93 17.88 1.04
CA LYS A 71 -3.02 18.35 0.20
C LYS A 71 -3.48 19.72 0.65
N ASN A 72 -3.62 20.60 -0.32
CA ASN A 72 -4.20 21.90 -0.16
C ASN A 72 -5.59 21.87 -0.78
N LEU A 73 -6.52 22.62 -0.18
CA LEU A 73 -7.78 22.88 -0.85
C LEU A 73 -7.52 23.95 -1.91
N SER A 74 -7.54 23.55 -3.17
CA SER A 74 -7.57 24.52 -4.24
C SER A 74 -8.76 25.44 -4.06
N GLN A 75 -8.78 26.53 -4.81
CA GLN A 75 -9.95 27.41 -4.75
C GLN A 75 -11.20 26.64 -5.15
N ALA A 76 -11.06 25.76 -6.15
CA ALA A 76 -12.19 24.92 -6.56
C ALA A 76 -12.69 24.12 -5.37
N LEU A 77 -11.78 23.41 -4.69
CA LEU A 77 -12.20 22.60 -3.56
C LEU A 77 -12.77 23.46 -2.45
N LYS A 78 -12.18 24.64 -2.23
CA LYS A 78 -12.71 25.50 -1.19
C LYS A 78 -14.15 25.87 -1.49
N PHE A 79 -14.46 26.13 -2.75
CA PHE A 79 -15.84 26.45 -3.12
C PHE A 79 -16.70 25.22 -3.04
N VAL A 80 -16.18 24.07 -3.48
CA VAL A 80 -16.95 22.84 -3.34
C VAL A 80 -17.19 22.55 -1.87
N ARG A 81 -16.23 22.92 -1.01
CA ARG A 81 -16.43 22.71 0.42
C ARG A 81 -17.71 23.39 0.92
N ASP A 82 -18.21 24.41 0.24
CA ASP A 82 -19.45 25.01 0.71
C ASP A 82 -20.62 24.05 0.67
N PHE A 83 -20.55 22.99 -0.12
CA PHE A 83 -21.60 21.99 -0.06
C PHE A 83 -21.10 20.59 0.18
N ALA A 84 -19.81 20.31 -0.01
CA ALA A 84 -19.26 19.02 0.38
C ALA A 84 -18.71 19.04 1.79
N GLY A 85 -18.67 20.21 2.41
CA GLY A 85 -18.33 20.35 3.82
C GLY A 85 -16.99 19.76 4.14
N ASP A 86 -16.90 19.14 5.31
CA ASP A 86 -15.67 18.44 5.61
C ASP A 86 -15.77 16.97 5.25
N GLY A 87 -16.42 16.68 4.13
CA GLY A 87 -16.25 15.40 3.49
C GLY A 87 -14.79 15.19 3.16
N LEU A 88 -14.48 13.96 2.74
CA LEU A 88 -13.08 13.56 2.57
C LEU A 88 -12.36 14.46 1.60
N ALA A 89 -13.01 14.81 0.49
CA ALA A 89 -12.31 15.52 -0.57
C ALA A 89 -12.08 16.97 -0.22
N THR A 90 -12.93 17.55 0.62
CA THR A 90 -12.82 18.98 0.84
C THR A 90 -12.38 19.31 2.24
N SER A 91 -11.79 18.35 2.91
CA SER A 91 -11.28 18.60 4.24
CA SER A 91 -11.28 18.57 4.25
C SER A 91 -9.76 18.60 4.22
N TRP A 92 -9.21 19.35 5.15
CA TRP A 92 -7.78 19.34 5.33
C TRP A 92 -7.42 18.07 6.07
N THR A 93 -6.22 17.57 5.77
CA THR A 93 -5.78 16.33 6.39
C THR A 93 -5.81 16.43 7.90
N HIS A 94 -5.54 17.62 8.45
CA HIS A 94 -5.50 17.81 9.89
C HIS A 94 -6.88 17.99 10.51
N GLU A 95 -7.94 18.01 9.72
CA GLU A 95 -9.26 18.12 10.28
C GLU A 95 -9.68 16.78 10.84
N LYS A 96 -10.19 16.79 12.07
CA LYS A 96 -10.55 15.56 12.74
C LYS A 96 -11.44 14.69 11.86
N ASN A 97 -12.39 15.32 11.15
CA ASN A 97 -13.30 14.54 10.34
C ASN A 97 -12.64 13.94 9.11
N TRP A 98 -11.49 14.47 8.70
CA TRP A 98 -10.82 13.86 7.56
C TRP A 98 -10.28 12.50 7.97
N LYS A 99 -9.46 12.48 9.01
CA LYS A 99 -8.86 11.22 9.42
C LYS A 99 -9.91 10.23 9.87
N LYS A 100 -10.96 10.72 10.54
CA LYS A 100 -12.03 9.86 11.02
C LYS A 100 -12.74 9.19 9.85
N ALA A 101 -13.22 9.99 8.90
CA ALA A 101 -13.92 9.43 7.74
C ALA A 101 -12.98 8.58 6.90
N HIS A 102 -11.74 9.01 6.76
CA HIS A 102 -10.75 8.24 6.03
C HIS A 102 -10.60 6.85 6.65
N ASN A 103 -10.38 6.80 7.95
CA ASN A 103 -10.25 5.51 8.61
C ASN A 103 -11.51 4.69 8.50
N ILE A 104 -12.66 5.32 8.66
CA ILE A 104 -13.91 4.58 8.59
C ILE A 104 -14.18 4.11 7.17
N LEU A 105 -13.94 4.96 6.20
CA LEU A 105 -14.41 4.68 4.84
C LEU A 105 -13.44 3.85 4.04
N LEU A 106 -12.15 3.88 4.39
CA LEU A 106 -11.15 3.13 3.64
C LEU A 106 -11.55 1.67 3.46
N PRO A 107 -11.98 0.93 4.48
CA PRO A 107 -12.38 -0.46 4.23
C PRO A 107 -13.57 -0.56 3.32
N SER A 108 -14.43 0.44 3.29
CA SER A 108 -15.58 0.31 2.41
C SER A 108 -15.28 0.73 0.99
N PHE A 109 -14.06 1.17 0.71
CA PHE A 109 -13.68 1.52 -0.64
C PHE A 109 -12.61 0.61 -1.15
N SER A 110 -12.24 -0.39 -0.37
CA SER A 110 -11.18 -1.29 -0.72
C SER A 110 -11.59 -2.09 -1.95
N GLN A 111 -10.58 -2.70 -2.58
CA GLN A 111 -10.87 -3.61 -3.67
C GLN A 111 -11.81 -4.71 -3.20
N GLN A 112 -11.59 -5.20 -1.99
CA GLN A 112 -12.45 -6.25 -1.42
C GLN A 112 -13.89 -5.74 -1.25
N ALA A 113 -14.05 -4.47 -0.83
CA ALA A 113 -15.38 -3.92 -0.70
C ALA A 113 -16.10 -3.84 -2.04
N MET A 114 -15.36 -3.77 -3.14
CA MET A 114 -16.01 -3.73 -4.44
C MET A 114 -16.84 -4.99 -4.69
N LYS A 115 -16.45 -6.11 -4.09
CA LYS A 115 -17.25 -7.32 -4.22
C LYS A 115 -18.67 -7.06 -3.74
N GLY A 116 -18.83 -6.27 -2.68
CA GLY A 116 -20.14 -5.97 -2.14
C GLY A 116 -20.92 -4.92 -2.88
N TYR A 117 -20.23 -4.05 -3.61
CA TYR A 117 -20.91 -3.08 -4.47
C TYR A 117 -21.18 -3.63 -5.84
N HIS A 118 -20.53 -4.74 -6.20
CA HIS A 118 -20.56 -5.20 -7.57
C HIS A 118 -21.99 -5.38 -8.07
N ALA A 119 -22.84 -6.03 -7.28
CA ALA A 119 -24.19 -6.31 -7.74
C ALA A 119 -24.93 -5.03 -8.06
N MET A 120 -24.77 -3.99 -7.22
CA MET A 120 -25.44 -2.72 -7.48
CA MET A 120 -25.48 -2.76 -7.54
C MET A 120 -24.84 -2.03 -8.70
N MET A 121 -23.53 -2.13 -8.86
CA MET A 121 -22.92 -1.60 -10.08
C MET A 121 -23.49 -2.30 -11.30
N VAL A 122 -23.62 -3.63 -11.22
CA VAL A 122 -24.14 -4.40 -12.34
C VAL A 122 -25.57 -3.98 -12.64
N ASP A 123 -26.34 -3.71 -11.58
CA ASP A 123 -27.71 -3.26 -11.75
C ASP A 123 -27.78 -2.06 -12.68
N ILE A 124 -26.99 -1.03 -12.39
CA ILE A 124 -27.02 0.17 -13.22
C ILE A 124 -26.38 -0.11 -14.57
N ALA A 125 -25.29 -0.89 -14.58
CA ALA A 125 -24.63 -1.21 -15.84
C ALA A 125 -25.59 -1.93 -16.79
N VAL A 126 -26.38 -2.84 -16.25
CA VAL A 126 -27.37 -3.53 -17.07
C VAL A 126 -28.40 -2.54 -17.59
N GLN A 127 -28.81 -1.57 -16.76
CA GLN A 127 -29.72 -0.55 -17.24
C GLN A 127 -29.11 0.23 -18.39
N LEU A 128 -27.82 0.54 -18.31
CA LEU A 128 -27.18 1.21 -19.43
C LEU A 128 -27.19 0.30 -20.65
N VAL A 129 -26.79 -0.95 -20.49
CA VAL A 129 -26.78 -1.86 -21.62
C VAL A 129 -28.18 -1.98 -22.21
N GLN A 130 -29.18 -2.14 -21.35
CA GLN A 130 -30.54 -2.28 -21.87
C GLN A 130 -31.00 -1.03 -22.57
N LYS A 131 -30.66 0.13 -22.02
CA LYS A 131 -31.00 1.37 -22.71
C LYS A 131 -30.44 1.34 -24.12
N TRP A 132 -29.18 0.98 -24.26
CA TRP A 132 -28.59 0.98 -25.57
C TRP A 132 -29.14 -0.14 -26.44
N GLU A 133 -29.47 -1.28 -25.85
CA GLU A 133 -30.11 -2.34 -26.61
C GLU A 133 -31.45 -1.88 -27.17
N ARG A 134 -32.07 -0.93 -26.52
CA ARG A 134 -33.42 -0.51 -26.86
C ARG A 134 -33.45 0.70 -27.75
N LEU A 135 -32.28 1.19 -28.15
CA LEU A 135 -32.26 2.26 -29.13
C LEU A 135 -32.72 1.71 -30.46
N ASN A 136 -33.40 2.56 -31.20
CA ASN A 136 -33.78 2.17 -32.54
C ASN A 136 -32.60 2.41 -33.49
N ALA A 137 -32.68 1.79 -34.66
CA ALA A 137 -31.62 1.94 -35.64
C ALA A 137 -31.37 3.42 -35.93
N ASP A 138 -30.12 3.78 -36.15
CA ASP A 138 -29.80 5.16 -36.50
C ASP A 138 -30.10 6.13 -35.36
N GLU A 139 -30.59 5.66 -34.22
CA GLU A 139 -30.44 6.44 -33.01
C GLU A 139 -29.02 6.30 -32.51
N HIS A 140 -28.58 7.30 -31.77
CA HIS A 140 -27.21 7.30 -31.28
C HIS A 140 -27.21 7.47 -29.78
N ILE A 141 -26.03 7.28 -29.21
CA ILE A 141 -25.80 7.40 -27.78
C ILE A 141 -25.11 8.73 -27.51
N GLU A 142 -25.64 9.48 -26.57
CA GLU A 142 -24.94 10.65 -26.05
C GLU A 142 -24.05 10.09 -24.95
N VAL A 143 -22.78 9.96 -25.25
CA VAL A 143 -21.94 9.11 -24.40
C VAL A 143 -21.78 9.75 -23.02
N PRO A 144 -21.24 10.95 -22.86
CA PRO A 144 -21.07 11.45 -21.49
C PRO A 144 -22.39 11.56 -20.77
N GLU A 145 -23.47 11.86 -21.49
CA GLU A 145 -24.78 11.92 -20.86
C GLU A 145 -25.16 10.57 -20.28
N ASP A 146 -24.99 9.49 -21.04
CA ASP A 146 -25.34 8.20 -20.49
C ASP A 146 -24.33 7.74 -19.46
N MET A 147 -23.06 8.02 -19.68
CA MET A 147 -22.08 7.61 -18.67
C MET A 147 -22.39 8.26 -17.34
N THR A 148 -22.82 9.50 -17.36
CA THR A 148 -23.12 10.23 -16.14
C THR A 148 -24.37 9.72 -15.48
N ARG A 149 -25.38 9.37 -16.28
CA ARG A 149 -26.55 8.69 -15.71
C ARG A 149 -26.10 7.46 -14.97
N LEU A 150 -25.19 6.71 -15.59
CA LEU A 150 -24.67 5.43 -15.05
C LEU A 150 -23.87 5.65 -13.77
N THR A 151 -22.98 6.65 -13.74
CA THR A 151 -22.13 6.84 -12.58
C THR A 151 -22.89 7.49 -11.44
N LEU A 152 -23.75 8.45 -11.76
CA LEU A 152 -24.60 9.02 -10.72
C LEU A 152 -25.44 7.95 -10.07
N ASP A 153 -26.08 7.13 -10.89
CA ASP A 153 -26.96 6.12 -10.31
C ASP A 153 -26.17 5.09 -9.55
N THR A 154 -25.00 4.73 -10.06
CA THR A 154 -24.23 3.74 -9.37
C THR A 154 -23.78 4.26 -8.01
N ILE A 155 -23.32 5.50 -7.95
CA ILE A 155 -22.91 6.07 -6.67
C ILE A 155 -24.12 6.23 -5.76
N GLY A 156 -25.24 6.66 -6.32
CA GLY A 156 -26.45 6.72 -5.51
C GLY A 156 -26.81 5.39 -4.93
N LEU A 157 -26.72 4.35 -5.74
CA LEU A 157 -27.12 3.04 -5.25
C LEU A 157 -26.07 2.50 -4.27
N CYS A 158 -24.81 2.52 -4.67
CA CYS A 158 -23.78 2.01 -3.76
C CYS A 158 -23.54 2.94 -2.60
N GLY A 159 -23.74 4.23 -2.78
CA GLY A 159 -23.46 5.20 -1.77
C GLY A 159 -24.50 5.18 -0.68
N PHE A 160 -25.78 5.23 -1.05
CA PHE A 160 -26.79 5.30 -0.01
C PHE A 160 -28.07 4.60 -0.42
N ASN A 161 -27.95 3.57 -1.24
CA ASN A 161 -29.08 2.73 -1.64
C ASN A 161 -30.22 3.58 -2.18
N TYR A 162 -29.88 4.58 -2.95
CA TYR A 162 -30.88 5.46 -3.49
C TYR A 162 -30.81 5.40 -5.00
N ARG A 163 -31.96 5.28 -5.61
CA ARG A 163 -32.06 5.19 -7.05
C ARG A 163 -32.43 6.55 -7.57
N PHE A 164 -31.45 7.22 -8.18
CA PHE A 164 -31.75 8.43 -8.91
C PHE A 164 -32.56 8.16 -10.14
N ASN A 165 -32.52 6.92 -10.61
CA ASN A 165 -33.27 6.47 -11.78
C ASN A 165 -33.01 7.35 -12.98
N SER A 166 -31.73 7.67 -13.18
CA SER A 166 -31.36 8.60 -14.24
C SER A 166 -31.73 8.06 -15.62
N PHE A 167 -31.78 6.75 -15.78
CA PHE A 167 -32.15 6.20 -17.08
C PHE A 167 -33.64 6.24 -17.33
N TYR A 168 -34.43 6.70 -16.38
CA TYR A 168 -35.84 6.91 -16.57
C TYR A 168 -36.14 8.38 -16.84
N ARG A 169 -35.12 9.18 -17.07
CA ARG A 169 -35.28 10.62 -17.02
C ARG A 169 -34.53 11.30 -18.13
N ASP A 170 -35.14 12.37 -18.63
CA ASP A 170 -34.45 13.41 -19.38
C ASP A 170 -33.91 14.47 -18.43
N GLN A 171 -34.78 14.96 -17.52
CA GLN A 171 -34.37 15.89 -16.48
C GLN A 171 -33.85 15.10 -15.28
N PRO A 172 -32.61 15.30 -14.87
CA PRO A 172 -32.08 14.48 -13.78
C PRO A 172 -32.89 14.70 -12.52
N HIS A 173 -32.73 13.77 -11.60
CA HIS A 173 -33.25 13.92 -10.26
C HIS A 173 -32.91 15.31 -9.73
N PRO A 174 -33.83 15.99 -9.04
CA PRO A 174 -33.54 17.37 -8.59
C PRO A 174 -32.26 17.52 -7.80
N PHE A 175 -31.89 16.53 -6.99
CA PHE A 175 -30.62 16.58 -6.29
C PHE A 175 -29.48 16.72 -7.28
N ILE A 176 -29.50 15.91 -8.33
CA ILE A 176 -28.43 15.95 -9.33
C ILE A 176 -28.39 17.32 -9.99
N THR A 177 -29.57 17.83 -10.34
CA THR A 177 -29.64 19.17 -10.89
C THR A 177 -29.04 20.18 -9.91
N SER A 178 -29.39 20.06 -8.63
CA SER A 178 -28.82 20.96 -7.65
C SER A 178 -27.32 20.75 -7.50
N MET A 179 -26.88 19.50 -7.47
CA MET A 179 -25.46 19.23 -7.32
C MET A 179 -24.68 19.76 -8.52
N VAL A 180 -25.16 19.46 -9.71
CA VAL A 180 -24.48 19.93 -10.91
C VAL A 180 -24.47 21.45 -10.95
N ARG A 181 -25.60 22.06 -10.59
CA ARG A 181 -25.64 23.52 -10.57
C ARG A 181 -24.73 24.07 -9.48
N ALA A 182 -24.65 23.38 -8.34
CA ALA A 182 -23.72 23.83 -7.31
C ALA A 182 -22.28 23.71 -7.80
N LEU A 183 -21.94 22.60 -8.45
CA LEU A 183 -20.59 22.47 -9.00
C LEU A 183 -20.32 23.56 -10.02
N ASP A 184 -21.28 23.80 -10.91
CA ASP A 184 -21.13 24.88 -11.88
C ASP A 184 -20.91 26.21 -11.19
N GLU A 185 -21.68 26.50 -10.14
CA GLU A 185 -21.49 27.75 -9.40
C GLU A 185 -20.13 27.78 -8.72
N ALA A 186 -19.69 26.65 -8.16
CA ALA A 186 -18.32 26.59 -7.63
C ALA A 186 -17.31 26.87 -8.73
N MET A 187 -17.50 26.23 -9.89
CA MET A 187 -16.58 26.43 -11.00
C MET A 187 -16.66 27.87 -11.50
N ASN A 188 -17.87 28.42 -11.61
CA ASN A 188 -18.00 29.81 -12.07
C ASN A 188 -17.32 30.79 -11.14
N LYS A 189 -17.31 30.50 -9.83
CA LYS A 189 -16.66 31.41 -8.90
C LYS A 189 -15.16 31.51 -9.14
N LEU A 190 -14.55 30.47 -9.71
CA LEU A 190 -13.12 30.51 -9.99
C LEU A 190 -12.77 31.52 -11.08
N GLN A 191 -13.56 31.55 -12.15
CA GLN A 191 -13.18 32.34 -13.32
C GLN A 191 -13.45 33.81 -13.10
N ARG A 192 -14.45 34.16 -12.29
CA ARG A 192 -14.76 35.56 -12.01
C ARG A 192 -13.85 36.11 -10.90
N TYR A 200 -24.29 38.78 -9.49
CA TYR A 200 -24.09 37.42 -9.02
C TYR A 200 -24.97 37.12 -7.81
N ASP A 201 -25.90 38.03 -7.51
CA ASP A 201 -26.74 37.87 -6.33
C ASP A 201 -27.70 36.70 -6.47
N GLU A 202 -28.20 36.50 -7.70
CA GLU A 202 -29.12 35.38 -8.00
C GLU A 202 -28.35 34.07 -7.79
N ASN A 203 -27.11 34.02 -8.29
CA ASN A 203 -26.28 32.84 -8.16
C ASN A 203 -26.19 32.37 -6.71
N LYS A 204 -25.99 33.32 -5.78
CA LYS A 204 -25.85 32.95 -4.38
C LYS A 204 -27.15 32.36 -3.82
N ARG A 205 -28.30 32.96 -4.12
CA ARG A 205 -29.55 32.39 -3.68
C ARG A 205 -29.78 31.04 -4.33
N GLN A 206 -29.41 30.91 -5.61
CA GLN A 206 -29.45 29.62 -6.28
C GLN A 206 -28.50 28.64 -5.61
N PHE A 207 -27.30 29.11 -5.27
CA PHE A 207 -26.31 28.27 -4.63
C PHE A 207 -26.81 27.75 -3.29
N GLN A 208 -27.37 28.65 -2.46
CA GLN A 208 -27.89 28.22 -1.16
C GLN A 208 -29.10 27.32 -1.32
N GLU A 209 -29.93 27.57 -2.33
CA GLU A 209 -31.06 26.68 -2.60
C GLU A 209 -30.59 25.29 -3.00
N ASP A 210 -29.54 25.22 -3.82
CA ASP A 210 -29.04 23.92 -4.27
C ASP A 210 -28.38 23.17 -3.12
N ILE A 211 -27.63 23.86 -2.27
CA ILE A 211 -27.10 23.24 -1.06
C ILE A 211 -28.25 22.67 -0.22
N LYS A 212 -29.31 23.47 -0.05
CA LYS A 212 -30.43 23.01 0.76
C LYS A 212 -31.06 21.78 0.13
N VAL A 213 -31.20 21.77 -1.19
CA VAL A 213 -31.74 20.58 -1.85
C VAL A 213 -30.85 19.38 -1.57
N MET A 214 -29.54 19.56 -1.73
CA MET A 214 -28.64 18.44 -1.49
C MET A 214 -28.69 17.99 -0.04
N ASN A 215 -28.58 18.94 0.89
CA ASN A 215 -28.61 18.58 2.31
C ASN A 215 -29.93 17.91 2.67
N ASP A 216 -31.05 18.47 2.22
CA ASP A 216 -32.35 17.92 2.62
C ASP A 216 -32.50 16.49 2.13
N LEU A 217 -32.23 16.22 0.85
CA LEU A 217 -32.37 14.85 0.38
C LEU A 217 -31.46 13.91 1.14
N VAL A 218 -30.19 14.28 1.25
CA VAL A 218 -29.23 13.36 1.89
C VAL A 218 -29.54 13.19 3.37
N ASP A 219 -29.84 14.30 4.05
CA ASP A 219 -30.21 14.20 5.46
C ASP A 219 -31.45 13.34 5.64
N LYS A 220 -32.43 13.49 4.73
CA LYS A 220 -33.63 12.69 4.81
C LYS A 220 -33.31 11.21 4.64
N ILE A 221 -32.44 10.88 3.67
CA ILE A 221 -32.11 9.47 3.46
C ILE A 221 -31.37 8.91 4.66
N ILE A 222 -30.48 9.70 5.24
CA ILE A 222 -29.81 9.28 6.47
C ILE A 222 -30.83 9.08 7.59
N ALA A 223 -31.70 10.07 7.80
CA ALA A 223 -32.71 9.94 8.84
C ALA A 223 -33.58 8.71 8.60
N ASP A 224 -34.07 8.55 7.36
CA ASP A 224 -34.85 7.37 7.01
C ASP A 224 -34.10 6.10 7.33
N ARG A 225 -32.81 6.06 6.99
CA ARG A 225 -32.06 4.83 7.23
C ARG A 225 -31.89 4.57 8.73
N LYS A 226 -31.65 5.61 9.51
CA LYS A 226 -31.54 5.44 10.95
C LYS A 226 -32.88 5.00 11.53
N ALA A 227 -33.98 5.58 11.04
CA ALA A 227 -35.31 5.24 11.53
C ALA A 227 -35.67 3.79 11.20
N SER A 228 -35.43 3.38 9.96
CA SER A 228 -35.78 2.02 9.55
C SER A 228 -34.83 0.97 10.10
N GLY A 229 -33.60 1.35 10.43
CA GLY A 229 -32.63 0.37 10.88
C GLY A 229 -32.20 -0.63 9.82
N GLU A 230 -32.63 -0.43 8.57
CA GLU A 230 -32.31 -1.37 7.51
C GLU A 230 -30.82 -1.35 7.20
N GLN A 231 -30.26 -2.52 6.99
CA GLN A 231 -28.88 -2.67 6.56
C GLN A 231 -28.86 -2.90 5.06
N SER A 232 -28.07 -2.12 4.35
CA SER A 232 -27.83 -2.35 2.94
C SER A 232 -26.35 -2.57 2.72
N ASP A 233 -26.00 -2.93 1.48
CA ASP A 233 -24.60 -3.08 1.10
C ASP A 233 -23.99 -1.77 0.66
N ASP A 234 -24.47 -0.65 1.19
CA ASP A 234 -24.08 0.65 0.70
C ASP A 234 -23.15 1.34 1.69
N LEU A 235 -22.53 2.41 1.20
CA LEU A 235 -21.62 3.18 2.05
C LEU A 235 -22.33 3.79 3.24
N LEU A 236 -23.59 4.19 3.07
CA LEU A 236 -24.32 4.79 4.18
C LEU A 236 -24.39 3.83 5.36
N THR A 237 -24.71 2.57 5.10
CA THR A 237 -24.75 1.59 6.17
C THR A 237 -23.39 1.48 6.86
N HIS A 238 -22.32 1.40 6.06
CA HIS A 238 -21.00 1.33 6.66
C HIS A 238 -20.73 2.56 7.52
N MET A 239 -21.15 3.73 7.05
CA MET A 239 -20.90 4.96 7.80
C MET A 239 -21.79 5.08 9.03
N LEU A 240 -23.00 4.57 8.98
CA LEU A 240 -23.85 4.59 10.16
C LEU A 240 -23.33 3.63 11.22
N ASN A 241 -22.70 2.53 10.80
CA ASN A 241 -22.19 1.53 11.73
C ASN A 241 -20.70 1.66 12.01
N GLY A 242 -19.99 2.48 11.24
CA GLY A 242 -18.55 2.50 11.32
C GLY A 242 -18.08 3.33 12.50
N LYS A 243 -17.03 2.86 13.13
CA LYS A 243 -16.36 3.62 14.16
C LYS A 243 -14.92 3.77 13.73
N ASP A 244 -14.43 4.97 13.83
CA ASP A 244 -13.04 5.22 13.55
C ASP A 244 -12.24 4.41 14.56
N PRO A 245 -11.36 3.50 14.11
CA PRO A 245 -10.56 2.73 15.08
C PRO A 245 -9.73 3.63 15.96
N GLU A 246 -9.27 4.76 15.43
CA GLU A 246 -8.40 5.65 16.17
C GLU A 246 -9.14 6.33 17.31
N THR A 247 -10.16 7.13 16.97
CA THR A 247 -10.91 7.85 18.00
C THR A 247 -11.99 6.99 18.65
N GLY A 248 -12.32 5.83 18.08
CA GLY A 248 -13.50 5.11 18.51
C GLY A 248 -14.80 5.77 18.15
N GLU A 249 -14.77 6.85 17.43
CA GLU A 249 -15.97 7.62 17.17
C GLU A 249 -16.54 7.28 15.80
N PRO A 250 -17.86 7.32 15.67
CA PRO A 250 -18.48 7.26 14.34
C PRO A 250 -18.49 8.63 13.71
N LEU A 251 -18.72 8.66 12.41
CA LEU A 251 -19.05 9.91 11.76
C LEU A 251 -20.39 10.38 12.28
N ASP A 252 -20.52 11.68 12.51
CA ASP A 252 -21.85 12.18 12.83
C ASP A 252 -22.67 12.31 11.53
N ASP A 253 -23.98 12.51 11.70
CA ASP A 253 -24.89 12.49 10.57
C ASP A 253 -24.57 13.60 9.57
N GLU A 254 -24.14 14.76 10.07
CA GLU A 254 -23.81 15.85 9.15
C GLU A 254 -22.61 15.47 8.31
N ASN A 255 -21.59 14.89 8.92
CA ASN A 255 -20.44 14.50 8.12
C ASN A 255 -20.81 13.38 7.17
N ILE A 256 -21.64 12.43 7.61
CA ILE A 256 -22.09 11.38 6.71
C ILE A 256 -22.77 11.99 5.50
N ARG A 257 -23.60 13.01 5.71
CA ARG A 257 -24.20 13.73 4.59
C ARG A 257 -23.14 14.30 3.67
N TYR A 258 -22.15 14.98 4.25
CA TYR A 258 -21.08 15.55 3.42
C TYR A 258 -20.32 14.46 2.69
N GLN A 259 -20.12 13.29 3.31
CA GLN A 259 -19.45 12.21 2.59
C GLN A 259 -20.28 11.76 1.40
N ILE A 260 -21.57 11.56 1.63
CA ILE A 260 -22.44 11.12 0.54
C ILE A 260 -22.41 12.12 -0.58
N ILE A 261 -22.58 13.40 -0.25
CA ILE A 261 -22.49 14.44 -1.27
C ILE A 261 -21.13 14.38 -1.95
N THR A 262 -20.09 14.15 -1.16
CA THR A 262 -18.74 14.09 -1.70
C THR A 262 -18.61 12.96 -2.70
N PHE A 263 -19.12 11.77 -2.35
CA PHE A 263 -19.04 10.63 -3.28
C PHE A 263 -19.67 11.00 -4.60
N LEU A 264 -20.83 11.66 -4.53
CA LEU A 264 -21.52 12.07 -5.75
C LEU A 264 -20.72 13.10 -6.52
N ILE A 265 -20.22 14.14 -5.84
CA ILE A 265 -19.40 15.15 -6.50
C ILE A 265 -18.14 14.52 -7.04
N ALA A 266 -17.40 13.83 -6.17
CA ALA A 266 -16.06 13.39 -6.50
C ALA A 266 -16.10 12.26 -7.49
N GLY A 267 -17.15 11.47 -7.45
CA GLY A 267 -17.14 10.24 -8.20
C GLY A 267 -17.95 10.26 -9.47
N HIS A 268 -18.99 11.07 -9.58
CA HIS A 268 -19.90 10.84 -10.68
C HIS A 268 -19.32 11.31 -12.01
N GLU A 269 -18.85 12.57 -12.07
CA GLU A 269 -18.39 13.13 -13.33
C GLU A 269 -16.99 12.68 -13.67
N THR A 270 -16.14 12.50 -12.66
CA THR A 270 -14.82 11.93 -12.93
C THR A 270 -14.98 10.58 -13.59
N THR A 271 -15.83 9.73 -13.01
CA THR A 271 -15.94 8.39 -13.52
C THR A 271 -16.66 8.39 -14.85
N SER A 272 -17.68 9.22 -14.99
CA SER A 272 -18.37 9.26 -16.26
C SER A 272 -17.46 9.84 -17.33
N GLY A 273 -16.71 10.88 -16.99
CA GLY A 273 -15.71 11.37 -17.91
C GLY A 273 -14.72 10.29 -18.31
N LEU A 274 -14.26 9.51 -17.34
CA LEU A 274 -13.35 8.40 -17.65
C LEU A 274 -14.00 7.44 -18.64
N LEU A 275 -15.21 7.01 -18.36
CA LEU A 275 -15.87 6.11 -19.31
C LEU A 275 -16.01 6.76 -20.67
N SER A 276 -16.38 8.04 -20.68
CA SER A 276 -16.62 8.71 -21.95
C SER A 276 -15.32 8.86 -22.72
N PHE A 277 -14.26 9.24 -22.04
CA PHE A 277 -12.98 9.33 -22.74
C PHE A 277 -12.52 7.97 -23.19
N ALA A 278 -12.71 6.95 -22.36
CA ALA A 278 -12.27 5.61 -22.74
C ALA A 278 -12.95 5.18 -24.02
N LEU A 279 -14.26 5.35 -24.08
CA LEU A 279 -14.99 4.97 -25.28
C LEU A 279 -14.56 5.85 -26.45
N TYR A 280 -14.37 7.14 -26.18
CA TYR A 280 -13.81 8.02 -27.20
C TYR A 280 -12.49 7.46 -27.73
N PHE A 281 -11.54 7.18 -26.84
CA PHE A 281 -10.27 6.72 -27.36
C PHE A 281 -10.40 5.39 -28.05
N LEU A 282 -11.29 4.55 -27.52
CA LEU A 282 -11.50 3.26 -28.14
C LEU A 282 -12.04 3.42 -29.55
N VAL A 283 -13.05 4.25 -29.73
CA VAL A 283 -13.58 4.34 -31.09
C VAL A 283 -12.61 5.05 -31.99
N LYS A 284 -11.75 5.91 -31.44
CA LYS A 284 -10.73 6.55 -32.24
C LYS A 284 -9.55 5.62 -32.52
N ASN A 285 -9.50 4.47 -31.87
CA ASN A 285 -8.38 3.55 -31.99
C ASN A 285 -8.94 2.14 -32.18
N PRO A 286 -9.46 1.84 -33.38
CA PRO A 286 -10.13 0.56 -33.62
C PRO A 286 -9.35 -0.67 -33.22
N HIS A 287 -8.03 -0.67 -33.42
CA HIS A 287 -7.26 -1.84 -33.01
C HIS A 287 -7.31 -2.01 -31.51
N VAL A 288 -7.23 -0.89 -30.78
CA VAL A 288 -7.36 -0.94 -29.33
C VAL A 288 -8.75 -1.38 -28.97
N LEU A 289 -9.76 -0.83 -29.64
CA LEU A 289 -11.11 -1.24 -29.33
C LEU A 289 -11.29 -2.73 -29.59
N GLN A 290 -10.77 -3.21 -30.72
CA GLN A 290 -10.88 -4.63 -31.02
C GLN A 290 -10.25 -5.48 -29.94
N LYS A 291 -9.05 -5.12 -29.50
CA LYS A 291 -8.37 -5.86 -28.43
C LYS A 291 -9.19 -5.81 -27.14
N ALA A 292 -9.70 -4.63 -26.78
CA ALA A 292 -10.51 -4.54 -25.58
C ALA A 292 -11.78 -5.35 -25.72
N ALA A 293 -12.42 -5.27 -26.90
CA ALA A 293 -13.63 -6.03 -27.16
C ALA A 293 -13.35 -7.52 -27.13
N GLU A 294 -12.23 -7.93 -27.71
CA GLU A 294 -11.85 -9.34 -27.63
C GLU A 294 -11.69 -9.77 -26.20
N GLU A 295 -11.04 -8.94 -25.38
CA GLU A 295 -10.93 -9.31 -23.97
C GLU A 295 -12.29 -9.41 -23.32
N ALA A 296 -13.17 -8.44 -23.58
CA ALA A 296 -14.47 -8.47 -22.94
C ALA A 296 -15.22 -9.73 -23.32
N ALA A 297 -15.16 -10.10 -24.60
CA ALA A 297 -15.84 -11.30 -25.07
C ALA A 297 -15.22 -12.54 -24.44
N ARG A 298 -13.89 -12.57 -24.36
CA ARG A 298 -13.25 -13.74 -23.79
C ARG A 298 -13.55 -13.85 -22.31
N VAL A 299 -13.55 -12.72 -21.60
CA VAL A 299 -13.65 -12.76 -20.14
C VAL A 299 -15.11 -12.79 -19.67
N LEU A 300 -15.96 -11.93 -20.21
CA LEU A 300 -17.32 -11.79 -19.69
C LEU A 300 -18.20 -12.87 -20.32
N VAL A 301 -18.01 -14.10 -19.83
CA VAL A 301 -18.67 -15.25 -20.44
C VAL A 301 -20.07 -15.46 -19.88
N ASP A 302 -20.45 -14.74 -18.84
CA ASP A 302 -21.76 -14.89 -18.25
C ASP A 302 -22.67 -13.75 -18.65
N PRO A 303 -23.98 -13.95 -18.55
CA PRO A 303 -24.91 -12.85 -18.91
C PRO A 303 -24.65 -11.61 -18.11
N VAL A 304 -24.20 -11.78 -16.88
CA VAL A 304 -23.94 -10.73 -15.92
C VAL A 304 -22.50 -10.88 -15.48
N PRO A 305 -21.66 -9.86 -15.61
CA PRO A 305 -20.28 -9.99 -15.16
C PRO A 305 -20.23 -10.21 -13.66
N SER A 306 -19.33 -11.09 -13.26
CA SER A 306 -19.01 -11.25 -11.87
C SER A 306 -17.91 -10.27 -11.49
N TYR A 307 -17.76 -10.08 -10.19
CA TYR A 307 -16.64 -9.30 -9.70
C TYR A 307 -15.33 -9.86 -10.21
N LYS A 308 -15.17 -11.18 -10.15
CA LYS A 308 -13.90 -11.79 -10.53
C LYS A 308 -13.62 -11.58 -12.01
N GLN A 309 -14.67 -11.64 -12.83
CA GLN A 309 -14.47 -11.37 -14.26
C GLN A 309 -14.02 -9.95 -14.50
N VAL A 310 -14.58 -8.99 -13.75
CA VAL A 310 -14.16 -7.60 -13.92
C VAL A 310 -12.67 -7.47 -13.67
N LYS A 311 -12.18 -8.13 -12.63
CA LYS A 311 -10.75 -8.10 -12.30
C LYS A 311 -9.92 -8.70 -13.41
N GLN A 312 -10.54 -9.55 -14.22
CA GLN A 312 -9.86 -10.23 -15.31
C GLN A 312 -9.84 -9.35 -16.56
N LEU A 313 -10.54 -8.24 -16.54
CA LEU A 313 -10.57 -7.34 -17.70
C LEU A 313 -9.33 -6.46 -17.67
N LYS A 314 -8.17 -7.11 -17.85
CA LYS A 314 -6.90 -6.43 -17.66
C LYS A 314 -6.70 -5.36 -18.71
N TYR A 315 -6.94 -5.69 -19.98
CA TYR A 315 -6.73 -4.72 -21.04
C TYR A 315 -7.72 -3.58 -20.91
N VAL A 316 -8.96 -3.89 -20.51
CA VAL A 316 -9.91 -2.83 -20.24
C VAL A 316 -9.38 -1.93 -19.13
N GLY A 317 -8.79 -2.53 -18.09
CA GLY A 317 -8.16 -1.73 -17.06
C GLY A 317 -7.05 -0.85 -17.62
N MET A 318 -6.26 -1.39 -18.53
CA MET A 318 -5.21 -0.58 -19.14
C MET A 318 -5.81 0.49 -20.02
N VAL A 319 -6.89 0.15 -20.73
CA VAL A 319 -7.59 1.16 -21.50
C VAL A 319 -8.00 2.30 -20.60
N LEU A 320 -8.59 1.97 -19.44
CA LEU A 320 -9.05 3.03 -18.54
C LEU A 320 -7.86 3.85 -18.04
N ASN A 321 -6.76 3.18 -17.68
CA ASN A 321 -5.62 3.94 -17.21
C ASN A 321 -5.08 4.86 -18.29
N GLU A 322 -5.09 4.38 -19.54
CA GLU A 322 -4.58 5.20 -20.63
C GLU A 322 -5.52 6.34 -20.93
N ALA A 323 -6.83 6.14 -20.76
CA ALA A 323 -7.74 7.27 -20.87
C ALA A 323 -7.51 8.27 -19.74
N LEU A 324 -7.28 7.76 -18.55
CA LEU A 324 -6.92 8.59 -17.41
C LEU A 324 -5.58 9.26 -17.62
N ARG A 325 -4.68 8.60 -18.33
CA ARG A 325 -3.41 9.25 -18.60
C ARG A 325 -3.65 10.48 -19.45
N LEU A 326 -4.35 10.31 -20.56
CA LEU A 326 -4.51 11.44 -21.47
C LEU A 326 -5.45 12.48 -20.89
N TRP A 327 -6.55 12.06 -20.32
CA TRP A 327 -7.55 13.00 -19.82
C TRP A 327 -7.97 12.61 -18.42
N PRO A 328 -7.08 12.81 -17.45
CA PRO A 328 -7.45 12.58 -16.05
C PRO A 328 -8.62 13.48 -15.71
N THR A 329 -9.74 12.87 -15.32
CA THR A 329 -10.97 13.64 -15.28
C THR A 329 -11.09 14.49 -14.04
N ALA A 330 -10.26 14.26 -13.03
CA ALA A 330 -10.06 15.22 -11.95
C ALA A 330 -8.69 15.80 -12.24
N PRO A 331 -8.60 16.84 -13.06
CA PRO A 331 -7.35 17.13 -13.76
C PRO A 331 -6.27 17.78 -12.91
N ALA A 332 -6.54 18.11 -11.67
CA ALA A 332 -5.52 18.78 -10.89
C ALA A 332 -5.74 18.48 -9.43
N PHE A 333 -4.67 18.59 -8.66
CA PHE A 333 -4.84 18.66 -7.23
C PHE A 333 -3.78 19.59 -6.69
N SER A 334 -4.06 20.07 -5.49
CA SER A 334 -3.26 21.13 -4.90
C SER A 334 -2.54 20.60 -3.68
N LEU A 335 -1.35 21.10 -3.48
CA LEU A 335 -0.49 20.74 -2.37
C LEU A 335 0.03 22.03 -1.78
N TYR A 336 0.42 21.97 -0.51
CA TYR A 336 1.13 23.09 0.09
C TYR A 336 2.38 22.51 0.75
N ALA A 337 3.45 23.30 0.73
CA ALA A 337 4.69 22.88 1.38
C ALA A 337 4.47 22.85 2.88
N LYS A 338 4.69 21.69 3.49
CA LYS A 338 4.53 21.57 4.94
C LYS A 338 5.59 22.38 5.68
N GLU A 339 6.78 22.49 5.11
CA GLU A 339 7.84 23.32 5.65
C GLU A 339 8.54 23.99 4.48
N ASP A 340 9.40 24.96 4.79
CA ASP A 340 10.33 25.46 3.78
C ASP A 340 10.99 24.28 3.12
N THR A 341 11.09 24.32 1.80
CA THR A 341 11.69 23.21 1.09
C THR A 341 12.08 23.72 -0.29
N VAL A 342 12.96 22.97 -0.94
CA VAL A 342 13.46 23.32 -2.25
C VAL A 342 12.89 22.31 -3.23
N LEU A 343 12.18 22.80 -4.23
CA LEU A 343 11.57 21.92 -5.20
C LEU A 343 12.52 21.71 -6.36
N GLY A 344 12.81 20.45 -6.68
CA GLY A 344 13.63 20.17 -7.84
C GLY A 344 15.02 20.71 -7.76
N GLY A 345 15.50 21.01 -6.56
CA GLY A 345 16.82 21.59 -6.43
C GLY A 345 16.95 23.00 -6.95
N GLU A 346 15.87 23.65 -7.39
CA GLU A 346 16.05 25.01 -7.90
C GLU A 346 14.89 25.95 -7.63
N TYR A 347 13.79 25.45 -7.07
CA TYR A 347 12.66 26.32 -6.74
C TYR A 347 12.45 26.31 -5.24
N PRO A 348 13.00 27.30 -4.55
CA PRO A 348 12.80 27.39 -3.09
C PRO A 348 11.34 27.68 -2.78
N LEU A 349 10.76 26.87 -1.91
CA LEU A 349 9.40 27.04 -1.48
C LEU A 349 9.40 27.34 0.01
N GLU A 350 8.61 28.31 0.41
CA GLU A 350 8.39 28.61 1.81
C GLU A 350 7.22 27.77 2.31
N LYS A 351 7.24 27.50 3.62
CA LYS A 351 6.13 26.84 4.28
C LYS A 351 4.82 27.46 3.85
N GLY A 352 3.85 26.61 3.52
CA GLY A 352 2.56 27.07 3.06
C GLY A 352 2.50 27.37 1.58
N ASP A 353 3.62 27.38 0.88
CA ASP A 353 3.57 27.63 -0.55
C ASP A 353 2.78 26.55 -1.25
N GLU A 354 1.94 26.99 -2.18
CA GLU A 354 0.98 26.14 -2.85
C GLU A 354 1.52 25.62 -4.16
N LEU A 355 1.19 24.38 -4.47
CA LEU A 355 1.47 23.76 -5.75
C LEU A 355 0.18 23.25 -6.33
N MET A 356 0.04 23.36 -7.65
CA MET A 356 -0.99 22.66 -8.38
C MET A 356 -0.33 21.61 -9.23
N VAL A 357 -0.82 20.39 -9.14
CA VAL A 357 -0.32 19.33 -9.99
C VAL A 357 -1.23 19.29 -11.20
N LEU A 358 -0.69 19.66 -12.34
CA LEU A 358 -1.46 19.70 -13.57
C LEU A 358 -1.39 18.29 -14.15
N ILE A 359 -2.32 17.45 -13.76
CA ILE A 359 -2.18 16.02 -14.07
C ILE A 359 -2.12 15.75 -15.57
N PRO A 360 -2.97 16.33 -16.42
CA PRO A 360 -2.89 15.94 -17.82
C PRO A 360 -1.53 16.29 -18.41
N GLN A 361 -0.90 17.34 -17.91
CA GLN A 361 0.43 17.71 -18.39
C GLN A 361 1.48 16.76 -17.88
N LEU A 362 1.42 16.44 -16.59
CA LEU A 362 2.22 15.36 -16.03
C LEU A 362 2.15 14.12 -16.90
N HIS A 363 0.94 13.75 -17.29
CA HIS A 363 0.74 12.55 -18.05
C HIS A 363 1.21 12.65 -19.47
N ARG A 364 1.67 13.83 -19.87
CA ARG A 364 2.24 14.02 -21.20
C ARG A 364 3.72 14.27 -21.13
N ASP A 365 4.33 14.00 -19.99
CA ASP A 365 5.76 14.16 -19.84
C ASP A 365 6.48 13.17 -20.75
N LYS A 366 7.06 13.69 -21.85
CA LYS A 366 7.69 12.79 -22.82
C LYS A 366 8.88 12.06 -22.22
N THR A 367 9.53 12.64 -21.22
CA THR A 367 10.63 11.93 -20.57
C THR A 367 10.15 10.68 -19.88
N ILE A 368 8.87 10.59 -19.59
CA ILE A 368 8.31 9.42 -18.95
C ILE A 368 7.73 8.47 -19.98
N TRP A 369 6.89 9.00 -20.87
CA TRP A 369 6.07 8.17 -21.71
C TRP A 369 6.64 8.02 -23.12
N GLY A 370 7.69 8.75 -23.44
CA GLY A 370 8.24 8.69 -24.78
C GLY A 370 7.61 9.73 -25.67
N ASP A 371 8.03 9.71 -26.93
CA ASP A 371 7.58 10.75 -27.83
C ASP A 371 6.09 10.64 -28.15
N ASP A 372 5.56 9.42 -28.19
CA ASP A 372 4.16 9.28 -28.58
C ASP A 372 3.21 9.50 -27.40
N VAL A 373 3.40 10.58 -26.63
CA VAL A 373 2.59 10.78 -25.43
C VAL A 373 1.13 10.98 -25.79
N GLU A 374 0.87 11.53 -26.97
CA GLU A 374 -0.50 11.78 -27.36
C GLU A 374 -1.20 10.54 -27.89
N GLU A 375 -0.46 9.49 -28.18
CA GLU A 375 -1.10 8.30 -28.71
C GLU A 375 -1.79 7.55 -27.58
N PHE A 376 -2.90 6.93 -27.92
CA PHE A 376 -3.65 6.13 -26.96
C PHE A 376 -3.12 4.71 -27.08
N ARG A 377 -2.29 4.30 -26.13
CA ARG A 377 -1.68 2.98 -26.15
C ARG A 377 -1.83 2.41 -24.77
N PRO A 378 -2.92 1.67 -24.51
CA PRO A 378 -3.10 1.10 -23.19
C PRO A 378 -1.96 0.23 -22.78
N GLU A 379 -1.21 -0.31 -23.74
CA GLU A 379 -0.08 -1.17 -23.44
C GLU A 379 0.96 -0.47 -22.59
N ARG A 380 0.96 0.87 -22.58
CA ARG A 380 1.83 1.60 -21.65
C ARG A 380 1.69 1.09 -20.24
N PHE A 381 0.53 0.53 -19.89
CA PHE A 381 0.24 0.15 -18.52
C PHE A 381 0.32 -1.34 -18.29
N GLU A 382 0.95 -2.09 -19.19
CA GLU A 382 1.09 -3.53 -18.99
C GLU A 382 1.78 -3.84 -17.67
N ASN A 383 2.81 -3.07 -17.34
CA ASN A 383 3.59 -3.28 -16.13
C ASN A 383 3.68 -2.03 -15.28
N PRO A 384 2.97 -1.95 -14.15
CA PRO A 384 3.09 -0.75 -13.32
C PRO A 384 4.50 -0.49 -12.83
N SER A 385 5.31 -1.53 -12.72
CA SER A 385 6.69 -1.34 -12.30
C SER A 385 7.53 -0.62 -13.35
N ALA A 386 7.15 -0.68 -14.63
CA ALA A 386 7.93 0.02 -15.65
C ALA A 386 7.64 1.51 -15.64
N ILE A 387 6.62 1.94 -14.88
CA ILE A 387 6.23 3.34 -14.86
C ILE A 387 6.95 4.02 -13.70
N PRO A 388 7.68 5.10 -13.96
CA PRO A 388 8.40 5.77 -12.87
C PRO A 388 7.44 6.25 -11.80
N GLN A 389 7.99 6.42 -10.62
CA GLN A 389 7.18 6.86 -9.50
C GLN A 389 6.51 8.19 -9.80
N HIS A 390 5.23 8.28 -9.44
CA HIS A 390 4.45 9.51 -9.51
C HIS A 390 4.33 10.03 -10.93
N ALA A 391 4.53 9.15 -11.90
CA ALA A 391 4.33 9.55 -13.27
C ALA A 391 2.86 9.62 -13.64
N PHE A 392 2.02 8.90 -12.91
CA PHE A 392 0.65 8.65 -13.32
C PHE A 392 -0.18 8.90 -12.07
N LYS A 393 -0.85 10.06 -12.01
CA LYS A 393 -1.53 10.49 -10.79
C LYS A 393 -2.98 10.86 -11.05
N PRO A 394 -3.74 10.06 -11.79
CA PRO A 394 -5.14 10.42 -12.03
C PRO A 394 -5.99 10.40 -10.77
N PHE A 395 -5.52 9.71 -9.73
CA PHE A 395 -6.26 9.60 -8.48
C PHE A 395 -5.58 10.33 -7.35
N GLY A 396 -4.73 11.27 -7.67
CA GLY A 396 -4.15 12.09 -6.65
C GLY A 396 -3.04 11.31 -5.98
N ASN A 397 -2.75 11.69 -4.75
CA ASN A 397 -1.51 11.25 -4.16
C ASN A 397 -1.65 10.86 -2.72
N GLY A 398 -1.03 9.74 -2.37
CA GLY A 398 -0.77 9.43 -0.98
C GLY A 398 -2.04 9.23 -0.19
N GLN A 399 -2.03 9.67 1.06
CA GLN A 399 -3.21 9.44 1.89
C GLN A 399 -4.39 10.26 1.44
N ARG A 400 -4.15 11.30 0.67
CA ARG A 400 -5.21 12.12 0.09
C ARG A 400 -5.53 11.67 -1.32
N ALA A 401 -5.06 10.50 -1.71
CA ALA A 401 -5.41 9.96 -3.00
C ALA A 401 -6.90 9.65 -3.03
N CYS A 402 -7.40 9.44 -4.23
CA CYS A 402 -8.80 9.13 -4.40
C CYS A 402 -9.19 7.92 -3.58
N ILE A 403 -10.09 8.11 -2.62
CA ILE A 403 -10.57 6.94 -1.92
C ILE A 403 -11.46 6.12 -2.83
N GLY A 404 -12.04 6.73 -3.88
CA GLY A 404 -12.96 5.99 -4.69
C GLY A 404 -12.32 5.28 -5.86
N GLN A 405 -10.99 5.24 -5.87
CA GLN A 405 -10.27 4.73 -7.04
C GLN A 405 -10.69 3.32 -7.41
N GLN A 406 -10.72 2.43 -6.42
CA GLN A 406 -11.13 1.06 -6.72
C GLN A 406 -12.57 1.03 -7.18
N PHE A 407 -13.42 1.82 -6.54
CA PHE A 407 -14.79 1.95 -6.96
C PHE A 407 -14.88 2.46 -8.40
N ALA A 408 -14.20 3.57 -8.69
CA ALA A 408 -14.29 4.13 -10.03
C ALA A 408 -13.79 3.14 -11.06
N LEU A 409 -12.65 2.50 -10.78
CA LEU A 409 -12.06 1.59 -11.75
C LEU A 409 -12.88 0.34 -11.86
N HIS A 410 -13.47 -0.07 -10.76
CA HIS A 410 -14.29 -1.29 -10.85
C HIS A 410 -15.50 -0.98 -11.73
N GLU A 411 -16.15 0.11 -11.42
CA GLU A 411 -17.34 0.51 -12.16
C GLU A 411 -16.98 0.74 -13.63
N ALA A 412 -15.91 1.47 -13.88
CA ALA A 412 -15.54 1.77 -15.28
C ALA A 412 -15.17 0.49 -16.03
N THR A 413 -14.47 -0.41 -15.37
CA THR A 413 -14.06 -1.66 -16.03
C THR A 413 -15.30 -2.49 -16.28
N LEU A 414 -16.14 -2.61 -15.29
CA LEU A 414 -17.35 -3.38 -15.45
C LEU A 414 -18.16 -2.85 -16.62
N VAL A 415 -18.40 -1.55 -16.61
CA VAL A 415 -19.27 -0.93 -17.60
C VAL A 415 -18.62 -0.96 -18.97
N LEU A 416 -17.35 -0.62 -19.02
CA LEU A 416 -16.67 -0.66 -20.30
C LEU A 416 -16.62 -2.08 -20.82
N GLY A 417 -16.36 -3.04 -19.92
CA GLY A 417 -16.35 -4.41 -20.36
C GLY A 417 -17.70 -4.82 -20.93
N MET A 418 -18.78 -4.45 -20.24
CA MET A 418 -20.09 -4.84 -20.74
C MET A 418 -20.41 -4.14 -22.03
N MET A 419 -20.07 -2.86 -22.12
CA MET A 419 -20.28 -2.14 -23.35
C MET A 419 -19.57 -2.82 -24.50
N LEU A 420 -18.30 -3.19 -24.28
CA LEU A 420 -17.52 -3.83 -25.33
C LEU A 420 -18.02 -5.23 -25.62
N LYS A 421 -18.57 -5.90 -24.62
CA LYS A 421 -19.14 -7.21 -24.86
C LYS A 421 -20.38 -7.08 -25.73
N HIS A 422 -21.22 -6.10 -25.43
CA HIS A 422 -22.57 -6.12 -25.95
C HIS A 422 -22.77 -5.33 -27.22
N PHE A 423 -21.83 -4.47 -27.59
CA PHE A 423 -22.03 -3.56 -28.71
C PHE A 423 -20.78 -3.41 -29.54
N ASP A 424 -20.99 -3.23 -30.84
CA ASP A 424 -20.00 -2.61 -31.71
C ASP A 424 -20.30 -1.13 -31.76
N PHE A 425 -19.26 -0.33 -31.67
CA PHE A 425 -19.43 1.11 -31.61
C PHE A 425 -18.94 1.75 -32.88
N GLU A 426 -19.70 2.72 -33.35
CA GLU A 426 -19.35 3.46 -34.54
C GLU A 426 -19.23 4.92 -34.15
N ASP A 427 -18.10 5.52 -34.50
CA ASP A 427 -17.89 6.95 -34.40
C ASP A 427 -18.54 7.61 -35.61
N HIS A 428 -19.89 7.59 -35.60
CA HIS A 428 -20.65 7.91 -36.81
C HIS A 428 -20.56 9.37 -37.21
N THR A 429 -20.22 10.27 -36.30
CA THR A 429 -20.05 11.67 -36.65
C THR A 429 -18.59 12.04 -36.88
N ASN A 430 -17.67 11.07 -36.80
CA ASN A 430 -16.24 11.37 -36.74
C ASN A 430 -16.01 12.47 -35.70
N TYR A 431 -16.42 12.13 -34.49
CA TYR A 431 -16.51 13.10 -33.43
C TYR A 431 -15.18 13.79 -33.21
N GLU A 432 -15.21 15.11 -33.13
CA GLU A 432 -14.04 15.92 -32.86
C GLU A 432 -13.97 16.17 -31.36
N LEU A 433 -12.90 15.69 -30.74
CA LEU A 433 -12.80 15.80 -29.30
C LEU A 433 -12.92 17.25 -28.89
N ASP A 434 -13.89 17.49 -28.04
CA ASP A 434 -14.17 18.80 -27.49
C ASP A 434 -14.33 18.56 -26.01
N ILE A 435 -13.34 18.97 -25.23
CA ILE A 435 -13.32 18.65 -23.83
C ILE A 435 -13.98 19.78 -23.08
N LYS A 436 -15.17 19.49 -22.56
CA LYS A 436 -15.86 20.44 -21.72
C LYS A 436 -15.24 20.37 -20.35
N GLU A 437 -15.02 21.54 -19.77
CA GLU A 437 -14.41 21.63 -18.45
C GLU A 437 -15.43 22.16 -17.48
N THR A 438 -15.68 21.38 -16.46
CA THR A 438 -16.26 21.87 -15.22
C THR A 438 -15.15 21.85 -14.17
N LEU A 439 -15.38 21.31 -13.01
CA LEU A 439 -14.25 20.88 -12.22
C LEU A 439 -13.69 19.59 -12.76
N THR A 440 -14.40 18.94 -13.69
CA THR A 440 -13.93 17.72 -14.30
C THR A 440 -13.90 17.88 -15.81
N LEU A 441 -13.44 16.86 -16.49
CA LEU A 441 -13.29 16.90 -17.93
C LEU A 441 -14.19 15.85 -18.54
N LYS A 442 -14.78 16.18 -19.68
CA LYS A 442 -15.54 15.17 -20.40
C LYS A 442 -15.54 15.53 -21.88
N PRO A 443 -15.65 14.56 -22.74
CA PRO A 443 -15.76 14.84 -24.17
C PRO A 443 -17.15 15.31 -24.54
N GLU A 444 -17.33 16.62 -24.57
CA GLU A 444 -18.65 17.17 -24.80
C GLU A 444 -19.15 16.78 -26.18
N GLY A 445 -20.43 16.41 -26.25
CA GLY A 445 -21.04 16.05 -27.51
C GLY A 445 -20.53 14.78 -28.11
N PHE A 446 -19.74 14.01 -27.37
CA PHE A 446 -19.31 12.73 -27.88
C PHE A 446 -20.53 11.84 -28.05
N VAL A 447 -20.70 11.36 -29.26
CA VAL A 447 -21.86 10.54 -29.59
C VAL A 447 -21.33 9.38 -30.38
N VAL A 448 -21.99 8.25 -30.22
CA VAL A 448 -21.67 7.05 -30.95
C VAL A 448 -22.97 6.36 -31.32
N LYS A 449 -22.86 5.45 -32.27
CA LYS A 449 -23.86 4.47 -32.53
C LYS A 449 -23.37 3.13 -32.02
N ALA A 450 -24.24 2.39 -31.37
CA ALA A 450 -23.89 1.08 -30.84
C ALA A 450 -24.77 0.04 -31.52
N LYS A 451 -24.17 -0.78 -32.37
CA LYS A 451 -24.87 -1.90 -32.96
C LYS A 451 -24.74 -3.06 -31.99
N SER A 452 -25.87 -3.50 -31.45
CA SER A 452 -25.86 -4.60 -30.50
C SER A 452 -25.24 -5.83 -31.14
N LYS A 453 -24.44 -6.54 -30.37
CA LYS A 453 -24.02 -7.89 -30.75
C LYS A 453 -25.07 -8.93 -30.38
N LYS A 454 -26.22 -8.48 -29.85
CA LYS A 454 -27.37 -9.33 -29.57
C LYS A 454 -27.06 -10.41 -28.54
N ILE A 455 -26.22 -10.09 -27.56
CA ILE A 455 -25.88 -11.02 -26.50
C ILE A 455 -26.80 -10.77 -25.32
N PRO A 456 -27.57 -11.77 -24.87
CA PRO A 456 -28.53 -11.53 -23.79
C PRO A 456 -27.85 -11.29 -22.45
N LEU A 457 -28.64 -10.73 -21.53
CA LEU A 457 -28.21 -10.38 -20.18
C LEU A 457 -28.78 -11.34 -19.15
N LYS B 5 -16.69 -27.21 8.47
CA LYS B 5 -16.81 -28.02 9.67
C LYS B 5 -15.60 -28.93 9.81
N GLU B 6 -15.55 -29.98 9.01
CA GLU B 6 -14.43 -30.92 9.05
C GLU B 6 -13.16 -30.26 8.53
N MET B 7 -12.08 -30.43 9.25
CA MET B 7 -10.91 -29.67 8.85
C MET B 7 -9.93 -30.54 8.08
N PRO B 8 -9.46 -30.09 6.92
CA PRO B 8 -8.47 -30.87 6.16
C PRO B 8 -7.21 -31.13 6.99
N GLN B 9 -6.52 -32.21 6.63
CA GLN B 9 -5.30 -32.55 7.30
C GLN B 9 -4.43 -33.24 6.28
N PRO B 10 -3.14 -32.89 6.21
CA PRO B 10 -2.25 -33.53 5.24
C PRO B 10 -2.01 -34.99 5.60
N LYS B 11 -1.28 -35.67 4.71
CA LYS B 11 -1.05 -37.09 4.86
C LYS B 11 -0.37 -37.38 6.20
N THR B 12 -0.68 -38.55 6.74
CA THR B 12 -0.18 -38.94 8.04
C THR B 12 0.85 -40.05 7.95
N PHE B 13 1.57 -40.23 9.04
CA PHE B 13 2.62 -41.23 9.11
C PHE B 13 2.38 -42.15 10.28
N GLY B 14 1.25 -42.82 10.28
CA GLY B 14 0.94 -43.71 11.39
C GLY B 14 0.96 -42.98 12.72
N GLU B 15 1.78 -43.51 13.64
CA GLU B 15 1.84 -42.95 14.99
C GLU B 15 2.33 -41.52 14.99
N LEU B 16 3.23 -41.18 14.06
CA LEU B 16 3.81 -39.85 13.99
C LEU B 16 2.84 -38.81 13.42
N LYS B 17 1.67 -39.22 12.95
CA LYS B 17 0.69 -38.31 12.40
C LYS B 17 1.36 -37.48 11.30
N ASN B 18 1.34 -36.15 11.41
CA ASN B 18 1.90 -35.33 10.35
C ASN B 18 3.35 -34.95 10.56
N LEU B 19 3.92 -35.24 11.72
CA LEU B 19 5.24 -34.72 12.02
C LEU B 19 6.29 -34.96 10.95
N PRO B 20 6.41 -36.15 10.34
CA PRO B 20 7.45 -36.35 9.34
C PRO B 20 7.30 -35.43 8.14
N LEU B 21 6.14 -34.80 7.95
CA LEU B 21 6.03 -33.80 6.90
C LEU B 21 6.97 -32.65 7.13
N LEU B 22 7.28 -32.34 8.39
CA LEU B 22 8.24 -31.31 8.69
C LEU B 22 9.68 -31.80 8.61
N ASN B 23 9.87 -33.12 8.50
CA ASN B 23 11.20 -33.71 8.32
C ASN B 23 11.62 -33.58 6.86
N THR B 24 11.77 -32.32 6.46
CA THR B 24 12.16 -31.94 5.13
C THR B 24 12.95 -30.65 5.27
N ASP B 25 13.86 -30.39 4.35
CA ASP B 25 14.65 -29.21 4.63
C ASP B 25 13.93 -27.90 4.28
N LYS B 26 12.72 -27.95 3.71
CA LYS B 26 11.97 -26.74 3.41
C LYS B 26 10.56 -26.85 3.97
N PRO B 27 10.43 -26.85 5.29
CA PRO B 27 9.13 -27.15 5.90
C PRO B 27 8.09 -26.09 5.66
N VAL B 28 8.47 -24.80 5.71
CA VAL B 28 7.51 -23.76 5.40
C VAL B 28 6.98 -23.92 4.00
N GLN B 29 7.88 -24.15 3.05
CA GLN B 29 7.45 -24.35 1.68
C GLN B 29 6.59 -25.61 1.55
N ALA B 30 6.93 -26.66 2.30
CA ALA B 30 6.06 -27.84 2.35
C ALA B 30 4.70 -27.48 2.91
N LEU B 31 4.67 -26.70 4.00
CA LEU B 31 3.39 -26.29 4.58
C LEU B 31 2.61 -25.41 3.62
N MET B 32 3.31 -24.58 2.86
CA MET B 32 2.62 -23.78 1.86
C MET B 32 2.02 -24.67 0.78
N LYS B 33 2.77 -25.69 0.32
CA LYS B 33 2.21 -26.60 -0.66
C LYS B 33 1.00 -27.32 -0.08
N ILE B 34 1.10 -27.75 1.18
CA ILE B 34 -0.06 -28.34 1.84
C ILE B 34 -1.20 -27.36 1.87
N ALA B 35 -0.94 -26.13 2.27
CA ALA B 35 -2.01 -25.14 2.28
C ALA B 35 -2.55 -24.93 0.87
N ASP B 36 -1.68 -24.99 -0.15
CA ASP B 36 -2.19 -24.89 -1.52
C ASP B 36 -3.24 -25.96 -1.79
N GLU B 37 -2.98 -27.19 -1.34
CA GLU B 37 -3.91 -28.30 -1.56
C GLU B 37 -5.10 -28.23 -0.62
N LEU B 38 -4.88 -27.93 0.66
CA LEU B 38 -5.96 -28.08 1.63
C LEU B 38 -6.72 -26.78 1.86
N GLY B 39 -6.12 -25.65 1.53
CA GLY B 39 -6.85 -24.41 1.66
C GLY B 39 -6.52 -23.65 2.93
N GLU B 40 -7.46 -22.83 3.37
CA GLU B 40 -7.18 -21.79 4.35
C GLU B 40 -6.85 -22.34 5.72
N ILE B 41 -7.14 -23.61 5.99
CA ILE B 41 -6.90 -24.15 7.32
C ILE B 41 -6.66 -25.64 7.20
N PHE B 42 -5.64 -26.12 7.86
CA PHE B 42 -5.52 -27.56 7.95
C PHE B 42 -4.98 -27.91 9.31
N LYS B 43 -5.47 -29.02 9.84
CA LYS B 43 -4.97 -29.55 11.10
C LYS B 43 -3.62 -30.20 10.88
N PHE B 44 -2.73 -30.00 11.83
CA PHE B 44 -1.42 -30.61 11.75
C PHE B 44 -1.14 -31.24 13.10
N GLU B 45 -0.99 -32.55 13.10
CA GLU B 45 -0.80 -33.30 14.32
C GLU B 45 0.60 -33.87 14.35
N ALA B 46 1.21 -33.81 15.53
CA ALA B 46 2.44 -34.50 15.86
C ALA B 46 2.15 -35.22 17.16
N PRO B 47 3.03 -36.13 17.59
CA PRO B 47 2.88 -36.70 18.93
C PRO B 47 2.77 -35.61 19.98
N GLY B 48 1.67 -35.62 20.73
CA GLY B 48 1.44 -34.64 21.78
C GLY B 48 1.31 -33.22 21.29
N ARG B 49 0.86 -33.03 20.05
CA ARG B 49 0.77 -31.69 19.50
C ARG B 49 -0.31 -31.67 18.44
N VAL B 50 -1.22 -30.73 18.57
CA VAL B 50 -2.20 -30.47 17.53
C VAL B 50 -2.15 -29.00 17.23
N THR B 51 -2.00 -28.66 15.96
CA THR B 51 -2.11 -27.28 15.59
C THR B 51 -2.88 -27.20 14.28
N ARG B 52 -3.26 -25.99 13.93
CA ARG B 52 -4.01 -25.73 12.72
C ARG B 52 -3.29 -24.61 11.98
N TYR B 53 -2.89 -24.88 10.75
CA TYR B 53 -2.20 -23.87 9.97
C TYR B 53 -3.23 -23.02 9.23
N LEU B 54 -3.20 -21.74 9.47
CA LEU B 54 -4.10 -20.81 8.84
C LEU B 54 -3.38 -20.12 7.69
N SER B 55 -4.09 -19.97 6.56
CA SER B 55 -3.50 -19.36 5.38
C SER B 55 -4.32 -18.25 4.77
N SER B 56 -5.56 -18.05 5.20
CA SER B 56 -6.38 -17.02 4.58
C SER B 56 -6.48 -15.82 5.51
N GLN B 57 -6.54 -14.63 4.90
CA GLN B 57 -6.76 -13.44 5.70
C GLN B 57 -8.06 -13.54 6.47
N ARG B 58 -9.07 -14.20 5.87
CA ARG B 58 -10.35 -14.38 6.54
C ARG B 58 -10.17 -15.02 7.90
N LEU B 59 -9.43 -16.12 7.97
CA LEU B 59 -9.25 -16.77 9.26
C LEU B 59 -8.18 -16.08 10.07
N ILE B 60 -7.13 -15.59 9.39
CA ILE B 60 -6.04 -15.02 10.15
C ILE B 60 -6.46 -13.72 10.82
N LYS B 61 -7.36 -12.95 10.20
CA LYS B 61 -7.82 -11.74 10.87
C LYS B 61 -8.54 -12.07 12.17
N GLU B 62 -9.21 -13.22 12.23
CA GLU B 62 -9.81 -13.62 13.49
C GLU B 62 -8.75 -14.13 14.45
N ALA B 63 -7.81 -14.94 13.97
CA ALA B 63 -6.73 -15.37 14.84
C ALA B 63 -5.95 -14.17 15.39
N CYS B 64 -5.91 -13.07 14.65
CA CYS B 64 -5.21 -11.88 15.11
C CYS B 64 -6.06 -11.02 16.03
N ASP B 65 -7.28 -11.45 16.30
CA ASP B 65 -8.08 -10.83 17.35
C ASP B 65 -7.47 -11.14 18.70
N GLU B 66 -6.85 -10.15 19.32
CA GLU B 66 -6.13 -10.42 20.56
C GLU B 66 -7.06 -10.70 21.72
N SER B 67 -8.32 -10.26 21.63
CA SER B 67 -9.29 -10.62 22.64
C SER B 67 -9.62 -12.10 22.59
N ARG B 68 -9.30 -12.76 21.48
CA ARG B 68 -9.65 -14.17 21.32
C ARG B 68 -8.46 -15.10 21.28
N PHE B 69 -7.32 -14.60 20.82
CA PHE B 69 -6.12 -15.41 20.67
C PHE B 69 -4.93 -14.64 21.19
N ASP B 70 -4.07 -15.35 21.89
CA ASP B 70 -2.83 -14.81 22.38
C ASP B 70 -1.70 -15.53 21.67
N LYS B 71 -0.53 -14.90 21.68
CA LYS B 71 0.64 -15.56 21.12
C LYS B 71 0.90 -16.86 21.85
N ASN B 72 1.12 -17.89 21.07
CA ASN B 72 1.55 -19.18 21.56
C ASN B 72 3.03 -19.35 21.23
N LEU B 73 3.76 -19.99 22.12
CA LEU B 73 5.11 -20.39 21.78
C LEU B 73 5.00 -21.65 20.93
N SER B 74 5.30 -21.53 19.64
CA SER B 74 5.46 -22.68 18.78
C SER B 74 6.55 -23.59 19.34
N GLN B 75 6.63 -24.82 18.81
CA GLN B 75 7.71 -25.69 19.25
C GLN B 75 9.07 -25.06 18.92
N ALA B 76 9.15 -24.38 17.78
CA ALA B 76 10.38 -23.68 17.45
C ALA B 76 10.73 -22.69 18.54
N LEU B 77 9.77 -21.84 18.92
CA LEU B 77 10.02 -20.84 19.94
C LEU B 77 10.33 -21.48 21.28
N LYS B 78 9.65 -22.57 21.61
CA LYS B 78 9.98 -23.28 22.84
C LYS B 78 11.41 -23.77 22.81
N PHE B 79 11.88 -24.23 21.66
CA PHE B 79 13.27 -24.64 21.58
C PHE B 79 14.21 -23.45 21.64
N VAL B 80 13.85 -22.36 20.97
CA VAL B 80 14.63 -21.13 21.03
C VAL B 80 14.66 -20.59 22.45
N ARG B 81 13.56 -20.76 23.19
CA ARG B 81 13.52 -20.30 24.57
C ARG B 81 14.65 -20.91 25.40
N ASP B 82 15.17 -22.07 25.03
CA ASP B 82 16.29 -22.62 25.79
C ASP B 82 17.52 -21.72 25.75
N PHE B 83 17.61 -20.81 24.77
CA PHE B 83 18.68 -19.83 24.82
C PHE B 83 18.22 -18.40 24.73
N ALA B 84 17.01 -18.15 24.28
CA ALA B 84 16.45 -16.81 24.34
C ALA B 84 15.68 -16.55 25.62
N GLY B 85 15.51 -17.59 26.43
CA GLY B 85 14.96 -17.43 27.77
C GLY B 85 13.61 -16.78 27.75
N ASP B 86 13.36 -15.91 28.72
CA ASP B 86 12.15 -15.10 28.69
C ASP B 86 12.43 -13.75 28.08
N GLY B 87 13.29 -13.71 27.07
CA GLY B 87 13.32 -12.58 26.17
C GLY B 87 11.95 -12.38 25.55
N LEU B 88 11.80 -11.26 24.85
CA LEU B 88 10.48 -10.86 24.39
C LEU B 88 9.85 -11.91 23.47
N ALA B 89 10.65 -12.50 22.57
CA ALA B 89 10.03 -13.34 21.54
C ALA B 89 9.61 -14.69 22.06
N THR B 90 10.22 -15.15 23.14
CA THR B 90 9.98 -16.50 23.63
C THR B 90 9.32 -16.49 24.98
N SER B 91 8.70 -15.39 25.34
CA SER B 91 7.96 -15.35 26.58
CA SER B 91 7.95 -15.31 26.58
C SER B 91 6.47 -15.31 26.27
N TRP B 92 5.70 -15.85 27.20
CA TRP B 92 4.27 -15.74 27.10
C TRP B 92 3.87 -14.35 27.53
N THR B 93 2.79 -13.86 26.95
CA THR B 93 2.34 -12.50 27.22
C THR B 93 2.05 -12.30 28.68
N HIS B 94 1.61 -13.33 29.38
CA HIS B 94 1.29 -13.20 30.78
C HIS B 94 2.52 -13.30 31.67
N GLU B 95 3.69 -13.57 31.09
CA GLU B 95 4.89 -13.66 31.91
C GLU B 95 5.33 -12.26 32.29
N LYS B 96 5.66 -12.08 33.57
CA LYS B 96 6.01 -10.76 34.06
C LYS B 96 7.08 -10.11 33.18
N ASN B 97 8.06 -10.90 32.76
CA ASN B 97 9.17 -10.34 32.01
C ASN B 97 8.78 -9.95 30.59
N TRP B 98 7.70 -10.50 30.04
CA TRP B 98 7.31 -10.03 28.72
C TRP B 98 6.82 -8.60 28.79
N LYS B 99 5.80 -8.33 29.62
CA LYS B 99 5.23 -7.00 29.67
C LYS B 99 6.25 -5.99 30.18
N LYS B 100 7.07 -6.41 31.13
CA LYS B 100 8.11 -5.55 31.64
C LYS B 100 9.07 -5.16 30.53
N ALA B 101 9.61 -6.16 29.84
CA ALA B 101 10.56 -5.86 28.77
C ALA B 101 9.88 -5.12 27.63
N HIS B 102 8.64 -5.49 27.34
CA HIS B 102 7.90 -4.81 26.29
C HIS B 102 7.78 -3.33 26.59
N ASN B 103 7.32 -3.00 27.80
CA ASN B 103 7.19 -1.61 28.20
C ASN B 103 8.53 -0.89 28.18
N ILE B 104 9.57 -1.54 28.67
CA ILE B 104 10.86 -0.89 28.69
C ILE B 104 11.38 -0.72 27.27
N LEU B 105 11.23 -1.76 26.44
CA LEU B 105 11.90 -1.75 25.14
C LEU B 105 11.10 -1.06 24.06
N LEU B 106 9.78 -1.00 24.19
CA LEU B 106 9.00 -0.39 23.11
C LEU B 106 9.52 0.98 22.72
N PRO B 107 9.77 1.92 23.64
CA PRO B 107 10.32 3.22 23.22
C PRO B 107 11.67 3.15 22.53
N SER B 108 12.51 2.18 22.90
CA SER B 108 13.81 2.10 22.26
CA SER B 108 13.81 2.07 22.26
C SER B 108 13.75 1.41 20.89
N PHE B 109 12.56 0.99 20.46
CA PHE B 109 12.37 0.38 19.15
C PHE B 109 11.45 1.20 18.29
N SER B 110 11.01 2.35 18.78
CA SER B 110 10.10 3.17 18.01
C SER B 110 10.82 3.73 16.79
N GLN B 111 10.01 4.22 15.85
CA GLN B 111 10.55 4.93 14.71
C GLN B 111 11.44 6.06 15.17
N GLN B 112 11.03 6.77 16.21
CA GLN B 112 11.85 7.86 16.72
C GLN B 112 13.21 7.35 17.22
N ALA B 113 13.20 6.19 17.87
CA ALA B 113 14.45 5.64 18.40
C ALA B 113 15.43 5.26 17.30
N MET B 114 14.94 4.99 16.10
CA MET B 114 15.82 4.67 14.99
C MET B 114 16.78 5.82 14.70
N LYS B 115 16.40 7.05 15.03
CA LYS B 115 17.33 8.17 14.88
C LYS B 115 18.61 7.90 15.64
N GLY B 116 18.50 7.30 16.82
CA GLY B 116 19.66 7.01 17.64
C GLY B 116 20.45 5.80 17.22
N TYR B 117 19.83 4.84 16.53
CA TYR B 117 20.57 3.71 16.00
C TYR B 117 21.14 3.98 14.64
N HIS B 118 20.64 5.03 13.99
CA HIS B 118 20.95 5.23 12.59
C HIS B 118 22.44 5.25 12.34
N ALA B 119 23.19 6.00 13.14
CA ALA B 119 24.62 6.15 12.89
C ALA B 119 25.32 4.81 12.93
N MET B 120 24.98 3.97 13.91
CA MET B 120 25.57 2.64 14.02
CA MET B 120 25.64 2.67 13.96
C MET B 120 25.14 1.76 12.85
N MET B 121 23.90 1.91 12.42
CA MET B 121 23.47 1.18 11.23
C MET B 121 24.31 1.60 10.05
N VAL B 122 24.55 2.91 9.92
CA VAL B 122 25.34 3.42 8.80
C VAL B 122 26.74 2.86 8.86
N ASP B 123 27.28 2.76 10.08
CA ASP B 123 28.62 2.20 10.26
C ASP B 123 28.74 0.83 9.60
N ILE B 124 27.83 -0.09 9.90
CA ILE B 124 27.93 -1.41 9.32
C ILE B 124 27.57 -1.37 7.84
N ALA B 125 26.58 -0.57 7.49
CA ALA B 125 26.18 -0.46 6.09
C ALA B 125 27.34 0.03 5.23
N VAL B 126 28.06 1.01 5.73
CA VAL B 126 29.24 1.49 5.01
C VAL B 126 30.26 0.37 4.90
N GLN B 127 30.41 -0.44 5.94
CA GLN B 127 31.33 -1.57 5.83
C GLN B 127 30.89 -2.52 4.73
N LEU B 128 29.60 -2.74 4.62
CA LEU B 128 29.10 -3.60 3.55
C LEU B 128 29.39 -2.98 2.19
N VAL B 129 29.03 -1.72 2.04
CA VAL B 129 29.31 -1.04 0.77
C VAL B 129 30.79 -1.09 0.46
N GLN B 130 31.63 -0.81 1.46
CA GLN B 130 33.07 -0.82 1.21
C GLN B 130 33.54 -2.21 0.83
N LYS B 131 33.01 -3.25 1.48
CA LYS B 131 33.38 -4.59 1.09
C LYS B 131 33.11 -4.80 -0.38
N TRP B 132 31.92 -4.42 -0.83
CA TRP B 132 31.58 -4.65 -2.22
C TRP B 132 32.35 -3.71 -3.13
N GLU B 133 32.61 -2.49 -2.69
CA GLU B 133 33.44 -1.62 -3.51
C GLU B 133 34.80 -2.23 -3.73
N ARG B 134 35.25 -3.06 -2.80
CA ARG B 134 36.59 -3.59 -2.83
C ARG B 134 36.67 -4.96 -3.45
N LEU B 135 35.56 -5.47 -3.95
CA LEU B 135 35.63 -6.72 -4.69
C LEU B 135 36.34 -6.48 -6.00
N ASN B 136 37.09 -7.47 -6.41
CA ASN B 136 37.71 -7.38 -7.72
C ASN B 136 36.69 -7.71 -8.79
N ALA B 137 37.01 -7.33 -10.02
CA ALA B 137 36.13 -7.65 -11.14
C ALA B 137 35.84 -9.14 -11.18
N ASP B 138 34.61 -9.50 -11.56
CA ASP B 138 34.27 -10.91 -11.70
C ASP B 138 34.31 -11.69 -10.39
N GLU B 139 34.69 -11.06 -9.28
CA GLU B 139 34.27 -11.60 -8.00
C GLU B 139 32.80 -11.30 -7.82
N HIS B 140 32.14 -12.11 -7.02
CA HIS B 140 30.72 -11.94 -6.84
C HIS B 140 30.40 -11.78 -5.37
N ILE B 141 29.16 -11.44 -5.11
CA ILE B 141 28.67 -11.24 -3.76
C ILE B 141 27.83 -12.44 -3.38
N GLU B 142 28.12 -13.02 -2.23
CA GLU B 142 27.25 -14.00 -1.60
C GLU B 142 26.27 -13.19 -0.78
N VAL B 143 25.06 -13.03 -1.31
CA VAL B 143 24.19 -11.98 -0.78
C VAL B 143 23.75 -12.32 0.63
N PRO B 144 23.09 -13.45 0.91
CA PRO B 144 22.61 -13.67 2.27
C PRO B 144 23.74 -13.71 3.27
N GLU B 145 24.91 -14.20 2.84
CA GLU B 145 26.06 -14.23 3.73
C GLU B 145 26.47 -12.81 4.11
N ASP B 146 26.56 -11.91 3.14
CA ASP B 146 26.93 -10.54 3.49
C ASP B 146 25.80 -9.83 4.20
N MET B 147 24.56 -10.08 3.78
CA MET B 147 23.44 -9.48 4.49
C MET B 147 23.44 -9.93 5.95
N THR B 148 23.78 -11.19 6.18
CA THR B 148 23.79 -11.70 7.53
C THR B 148 24.93 -11.11 8.33
N ARG B 149 26.10 -10.98 7.70
CA ARG B 149 27.19 -10.26 8.36
C ARG B 149 26.72 -8.87 8.75
N LEU B 150 26.00 -8.23 7.83
CA LEU B 150 25.50 -6.84 8.00
C LEU B 150 24.47 -6.75 9.14
N THR B 151 23.50 -7.67 9.19
CA THR B 151 22.45 -7.54 10.21
C THR B 151 22.96 -7.98 11.57
N LEU B 152 23.78 -9.03 11.61
CA LEU B 152 24.36 -9.43 12.89
C LEU B 152 25.16 -8.29 13.48
N ASP B 153 26.03 -7.70 12.68
CA ASP B 153 26.89 -6.66 13.21
C ASP B 153 26.07 -5.45 13.61
N THR B 154 25.05 -5.14 12.83
CA THR B 154 24.23 -3.99 13.16
C THR B 154 23.49 -4.21 14.46
N ILE B 155 22.91 -5.39 14.62
CA ILE B 155 22.23 -5.68 15.87
C ILE B 155 23.24 -5.77 16.99
N GLY B 156 24.43 -6.31 16.71
CA GLY B 156 25.47 -6.29 17.72
C GLY B 156 25.81 -4.89 18.17
N LEU B 157 25.96 -3.99 17.21
CA LEU B 157 26.36 -2.62 17.53
C LEU B 157 25.22 -1.84 18.16
N CYS B 158 24.04 -1.88 17.53
CA CYS B 158 22.89 -1.17 18.08
C CYS B 158 22.36 -1.86 19.33
N GLY B 159 22.55 -3.16 19.42
CA GLY B 159 22.02 -3.90 20.54
C GLY B 159 22.87 -3.71 21.78
N PHE B 160 24.17 -3.89 21.67
CA PHE B 160 24.98 -3.80 22.87
C PHE B 160 26.36 -3.26 22.59
N ASN B 161 26.45 -2.41 21.56
CA ASN B 161 27.69 -1.69 21.24
C ASN B 161 28.85 -2.65 21.15
N TYR B 162 28.61 -3.79 20.55
CA TYR B 162 29.60 -4.84 20.41
C TYR B 162 29.83 -5.06 18.93
N ARG B 163 31.07 -5.13 18.53
CA ARG B 163 31.40 -5.32 17.13
C ARG B 163 31.74 -6.79 16.90
N PHE B 164 30.84 -7.50 16.24
CA PHE B 164 31.17 -8.82 15.80
C PHE B 164 32.21 -8.81 14.73
N ASN B 165 32.38 -7.67 14.06
CA ASN B 165 33.40 -7.53 13.04
C ASN B 165 33.29 -8.63 11.99
N SER B 166 32.04 -8.90 11.59
CA SER B 166 31.80 -9.98 10.66
C SER B 166 32.45 -9.74 9.32
N PHE B 167 32.63 -8.48 8.93
CA PHE B 167 33.29 -8.21 7.65
C PHE B 167 34.79 -8.33 7.73
N TYR B 168 35.33 -8.68 8.87
CA TYR B 168 36.74 -8.98 9.00
C TYR B 168 37.00 -10.48 9.05
N ARG B 169 36.00 -11.29 8.76
CA ARG B 169 36.06 -12.71 9.09
C ARG B 169 35.46 -13.53 7.97
N ASP B 170 36.02 -14.71 7.78
CA ASP B 170 35.35 -15.81 7.09
C ASP B 170 34.57 -16.65 8.10
N GLN B 171 35.23 -17.06 9.17
CA GLN B 171 34.56 -17.76 10.26
C GLN B 171 33.94 -16.73 11.19
N PRO B 172 32.64 -16.76 11.43
CA PRO B 172 32.03 -15.70 12.25
C PRO B 172 32.58 -15.69 13.67
N HIS B 173 32.32 -14.58 14.34
CA HIS B 173 32.58 -14.46 15.76
C HIS B 173 32.03 -15.70 16.47
N PRO B 174 32.75 -16.23 17.45
CA PRO B 174 32.28 -17.46 18.13
C PRO B 174 30.87 -17.34 18.67
N PHE B 175 30.48 -16.17 19.14
CA PHE B 175 29.10 -16.00 19.58
C PHE B 175 28.14 -16.33 18.46
N ILE B 176 28.41 -15.79 17.27
CA ILE B 176 27.52 -16.01 16.14
C ILE B 176 27.49 -17.46 15.75
N THR B 177 28.65 -18.10 15.75
CA THR B 177 28.71 -19.52 15.47
C THR B 177 27.86 -20.31 16.45
N SER B 178 28.01 -20.02 17.74
CA SER B 178 27.18 -20.72 18.72
C SER B 178 25.71 -20.39 18.52
N MET B 179 25.39 -19.12 18.27
CA MET B 179 23.99 -18.76 18.09
C MET B 179 23.38 -19.47 16.89
N VAL B 180 24.09 -19.43 15.76
CA VAL B 180 23.59 -20.09 14.56
C VAL B 180 23.46 -21.58 14.78
N ARG B 181 24.45 -22.17 15.46
CA ARG B 181 24.37 -23.58 15.77
C ARG B 181 23.25 -23.88 16.76
N ALA B 182 23.05 -22.99 17.74
CA ALA B 182 21.93 -23.17 18.64
C ALA B 182 20.60 -23.07 17.89
N LEU B 183 20.48 -22.09 17.01
CA LEU B 183 19.27 -21.99 16.21
C LEU B 183 19.09 -23.23 15.34
N ASP B 184 20.18 -23.68 14.71
CA ASP B 184 20.14 -24.89 13.90
C ASP B 184 19.71 -26.09 14.73
N GLU B 185 20.26 -26.23 15.93
CA GLU B 185 19.87 -27.33 16.79
C GLU B 185 18.40 -27.21 17.19
N ALA B 186 17.95 -25.99 17.49
CA ALA B 186 16.52 -25.79 17.76
C ALA B 186 15.68 -26.20 16.56
N MET B 187 16.08 -25.77 15.36
CA MET B 187 15.31 -26.11 14.16
C MET B 187 15.36 -27.62 13.88
N ASN B 188 16.55 -28.22 14.03
CA ASN B 188 16.68 -29.66 13.80
C ASN B 188 15.83 -30.47 14.77
N LYS B 189 15.66 -30.00 16.01
CA LYS B 189 14.84 -30.76 16.97
C LYS B 189 13.37 -30.81 16.54
N LEU B 190 12.92 -29.83 15.76
CA LEU B 190 11.55 -29.85 15.26
C LEU B 190 11.34 -31.03 14.34
N GLN B 191 12.33 -31.33 13.50
CA GLN B 191 12.23 -32.35 12.47
C GLN B 191 12.44 -33.76 13.04
N ARG B 192 13.06 -33.89 14.21
CA ARG B 192 13.34 -35.20 14.80
C ARG B 192 12.10 -35.84 15.37
N ALA B 199 21.72 -40.77 19.84
CA ALA B 199 22.76 -40.23 18.93
C ALA B 199 22.66 -38.72 18.79
N TYR B 200 21.75 -38.13 19.53
CA TYR B 200 21.53 -36.66 19.59
C TYR B 200 22.28 -36.12 20.82
N ASP B 201 23.01 -37.00 21.52
CA ASP B 201 23.79 -36.62 22.71
C ASP B 201 24.93 -35.63 22.39
N GLU B 202 25.60 -35.75 21.25
CA GLU B 202 26.64 -34.74 20.97
C GLU B 202 25.96 -33.40 20.80
N ASN B 203 24.85 -33.39 20.07
CA ASN B 203 24.07 -32.16 19.82
C ASN B 203 23.70 -31.53 21.15
N LYS B 204 23.27 -32.32 22.11
CA LYS B 204 22.88 -31.73 23.39
C LYS B 204 24.06 -31.07 24.09
N ARG B 205 25.22 -31.72 24.10
CA ARG B 205 26.39 -31.09 24.69
C ARG B 205 26.82 -29.87 23.88
N GLN B 206 26.77 -29.96 22.55
CA GLN B 206 27.07 -28.80 21.72
C GLN B 206 26.07 -27.68 22.00
N PHE B 207 24.80 -28.03 22.13
CA PHE B 207 23.77 -27.03 22.40
C PHE B 207 24.07 -26.30 23.70
N GLN B 208 24.38 -27.05 24.74
CA GLN B 208 24.68 -26.41 26.01
C GLN B 208 25.95 -25.59 25.92
N GLU B 209 26.93 -26.08 25.15
CA GLU B 209 28.14 -25.32 24.95
C GLU B 209 27.84 -24.00 24.26
N ASP B 210 26.98 -24.05 23.25
CA ASP B 210 26.66 -22.84 22.51
C ASP B 210 25.84 -21.89 23.37
N ILE B 211 24.92 -22.42 24.17
CA ILE B 211 24.21 -21.59 25.13
C ILE B 211 25.19 -20.87 26.04
N LYS B 212 26.19 -21.61 26.55
CA LYS B 212 27.15 -21.01 27.46
C LYS B 212 27.99 -19.96 26.76
N VAL B 213 28.38 -20.21 25.52
CA VAL B 213 29.11 -19.21 24.75
C VAL B 213 28.28 -17.94 24.63
N MET B 214 27.03 -18.08 24.26
CA MET B 214 26.16 -16.93 24.10
C MET B 214 25.96 -16.21 25.43
N ASN B 215 25.59 -16.94 26.47
CA ASN B 215 25.40 -16.31 27.77
C ASN B 215 26.66 -15.62 28.24
N ASP B 216 27.81 -16.28 28.10
CA ASP B 216 29.06 -15.71 28.63
C ASP B 216 29.38 -14.39 27.97
N LEU B 217 29.36 -14.35 26.63
CA LEU B 217 29.68 -13.08 25.96
C LEU B 217 28.69 -12.02 26.38
N VAL B 218 27.40 -12.33 26.31
CA VAL B 218 26.42 -11.30 26.60
C VAL B 218 26.47 -10.89 28.08
N ASP B 219 26.55 -11.86 28.99
CA ASP B 219 26.70 -11.51 30.41
C ASP B 219 27.95 -10.71 30.66
N LYS B 220 29.05 -11.09 30.02
CA LYS B 220 30.29 -10.35 30.18
C LYS B 220 30.10 -8.91 29.71
N ILE B 221 29.48 -8.75 28.54
CA ILE B 221 29.30 -7.39 28.03
C ILE B 221 28.42 -6.59 28.95
N ILE B 222 27.36 -7.22 29.47
CA ILE B 222 26.50 -6.49 30.40
C ILE B 222 27.29 -6.08 31.63
N ALA B 223 27.99 -7.05 32.22
CA ALA B 223 28.78 -6.77 33.41
C ALA B 223 29.85 -5.71 33.11
N ASP B 224 30.54 -5.84 31.97
CA ASP B 224 31.49 -4.79 31.59
C ASP B 224 30.81 -3.43 31.56
N ARG B 225 29.63 -3.37 30.95
CA ARG B 225 28.95 -2.10 30.82
C ARG B 225 28.50 -1.54 32.17
N LYS B 226 28.00 -2.40 33.06
CA LYS B 226 27.63 -1.88 34.36
C LYS B 226 28.85 -1.41 35.13
N ALA B 227 29.97 -2.14 35.01
CA ALA B 227 31.19 -1.77 35.71
C ALA B 227 31.73 -0.43 35.22
N SER B 228 31.80 -0.26 33.90
CA SER B 228 32.34 0.98 33.36
C SER B 228 31.36 2.13 33.46
N GLY B 229 30.07 1.84 33.54
CA GLY B 229 29.06 2.87 33.51
C GLY B 229 28.94 3.60 32.19
N GLU B 230 29.59 3.13 31.14
CA GLU B 230 29.57 3.85 29.88
C GLU B 230 28.17 3.85 29.30
N GLN B 231 27.76 5.01 28.79
CA GLN B 231 26.51 5.15 28.08
C GLN B 231 26.78 5.11 26.58
N SER B 232 26.04 4.28 25.87
CA SER B 232 26.08 4.26 24.41
C SER B 232 24.67 4.47 23.86
N ASP B 233 24.57 4.55 22.54
CA ASP B 233 23.28 4.63 21.85
C ASP B 233 22.69 3.27 21.59
N ASP B 234 22.97 2.29 22.44
CA ASP B 234 22.57 0.93 22.16
C ASP B 234 21.41 0.51 23.06
N LEU B 235 20.78 -0.59 22.67
CA LEU B 235 19.67 -1.08 23.48
C LEU B 235 20.13 -1.44 24.86
N LEU B 236 21.37 -1.92 24.99
CA LEU B 236 21.86 -2.34 26.30
C LEU B 236 21.83 -1.18 27.28
N THR B 237 22.30 -0.01 26.86
CA THR B 237 22.22 1.17 27.73
C THR B 237 20.78 1.45 28.11
N HIS B 238 19.86 1.39 27.14
CA HIS B 238 18.46 1.63 27.45
C HIS B 238 17.94 0.61 28.43
N MET B 239 18.34 -0.65 28.27
CA MET B 239 17.86 -1.67 29.20
C MET B 239 18.50 -1.52 30.55
N LEU B 240 19.74 -1.05 30.61
CA LEU B 240 20.35 -0.81 31.91
C LEU B 240 19.73 0.37 32.62
N ASN B 241 19.24 1.36 31.87
CA ASN B 241 18.65 2.54 32.45
C ASN B 241 17.14 2.48 32.52
N GLY B 242 16.53 1.51 31.85
CA GLY B 242 15.09 1.52 31.70
C GLY B 242 14.39 0.99 32.95
N LYS B 243 13.27 1.59 33.25
CA LYS B 243 12.39 1.09 34.30
C LYS B 243 11.04 0.90 33.65
N ASP B 244 10.44 -0.24 33.88
CA ASP B 244 9.09 -0.47 33.42
C ASP B 244 8.14 0.47 34.16
N PRO B 245 7.41 1.33 33.46
CA PRO B 245 6.47 2.22 34.16
C PRO B 245 5.47 1.48 35.02
N GLU B 246 5.01 0.31 34.59
CA GLU B 246 4.00 -0.40 35.35
C GLU B 246 4.59 -0.93 36.66
N THR B 247 5.58 -1.83 36.58
CA THR B 247 6.16 -2.39 37.79
C THR B 247 7.11 -1.43 38.49
N GLY B 248 7.55 -0.38 37.81
CA GLY B 248 8.64 0.40 38.33
C GLY B 248 9.97 -0.30 38.32
N GLU B 249 10.05 -1.59 37.73
CA GLU B 249 11.28 -2.37 37.83
C GLU B 249 12.09 -2.23 36.56
N PRO B 250 13.40 -2.30 36.68
CA PRO B 250 14.26 -2.47 35.51
C PRO B 250 14.30 -3.94 35.14
N LEU B 251 14.73 -4.22 33.92
CA LEU B 251 15.05 -5.59 33.57
C LEU B 251 16.27 -6.01 34.38
N ASP B 252 16.24 -7.24 34.88
CA ASP B 252 17.45 -7.73 35.52
C ASP B 252 18.47 -8.15 34.46
N ASP B 253 19.70 -8.40 34.91
CA ASP B 253 20.79 -8.68 34.00
C ASP B 253 20.55 -9.94 33.18
N GLU B 254 19.94 -10.95 33.78
CA GLU B 254 19.69 -12.18 33.04
C GLU B 254 18.71 -11.91 31.92
N ASN B 255 17.63 -11.21 32.23
CA ASN B 255 16.66 -10.93 31.18
C ASN B 255 17.23 -9.99 30.14
N ILE B 256 18.03 -9.01 30.54
CA ILE B 256 18.70 -8.17 29.56
C ILE B 256 19.52 -9.03 28.61
N ARG B 257 20.25 -9.99 29.17
CA ARG B 257 20.99 -10.91 28.32
C ARG B 257 20.06 -11.62 27.35
N TYR B 258 18.95 -12.18 27.86
CA TYR B 258 18.00 -12.85 26.99
C TYR B 258 17.43 -11.90 25.94
N GLN B 259 17.22 -10.63 26.30
CA GLN B 259 16.76 -9.68 25.29
C GLN B 259 17.81 -9.49 24.20
N ILE B 260 19.06 -9.34 24.63
CA ILE B 260 20.12 -9.15 23.65
C ILE B 260 20.22 -10.35 22.75
N ILE B 261 20.24 -11.55 23.34
CA ILE B 261 20.24 -12.77 22.55
C ILE B 261 19.04 -12.80 21.61
N THR B 262 17.89 -12.40 22.13
CA THR B 262 16.68 -12.35 21.33
C THR B 262 16.80 -11.41 20.15
N PHE B 263 17.32 -10.21 20.39
CA PHE B 263 17.48 -9.28 19.27
C PHE B 263 18.31 -9.92 18.19
N LEU B 264 19.40 -10.57 18.58
CA LEU B 264 20.25 -11.22 17.58
C LEU B 264 19.51 -12.36 16.89
N ILE B 265 18.86 -13.24 17.66
CA ILE B 265 18.09 -14.33 17.06
C ILE B 265 16.97 -13.79 16.19
N ALA B 266 16.15 -12.93 16.76
CA ALA B 266 14.93 -12.53 16.07
C ALA B 266 15.22 -11.61 14.90
N GLY B 267 16.29 -10.85 14.97
CA GLY B 267 16.48 -9.82 13.99
C GLY B 267 17.50 -10.15 12.93
N HIS B 268 18.49 -10.98 13.22
CA HIS B 268 19.61 -11.01 12.28
C HIS B 268 19.25 -11.74 10.99
N GLU B 269 18.66 -12.94 11.08
CA GLU B 269 18.39 -13.71 9.87
C GLU B 269 17.11 -13.24 9.19
N THR B 270 16.11 -12.81 9.95
CA THR B 270 14.92 -12.24 9.34
C THR B 270 15.29 -11.04 8.48
N THR B 271 16.10 -10.15 9.04
CA THR B 271 16.43 -8.93 8.33
C THR B 271 17.37 -9.22 7.18
N SER B 272 18.32 -10.14 7.38
CA SER B 272 19.22 -10.45 6.29
C SER B 272 18.48 -11.17 5.19
N GLY B 273 17.59 -12.08 5.57
CA GLY B 273 16.73 -12.73 4.61
C GLY B 273 15.92 -11.70 3.84
N LEU B 274 15.35 -10.73 4.56
CA LEU B 274 14.60 -9.69 3.89
C LEU B 274 15.48 -8.97 2.87
N LEU B 275 16.68 -8.59 3.28
CA LEU B 275 17.54 -7.88 2.35
C LEU B 275 17.90 -8.77 1.18
N SER B 276 18.19 -10.04 1.47
CA SER B 276 18.58 -10.96 0.42
C SER B 276 17.43 -11.19 -0.54
N PHE B 277 16.23 -11.38 -0.01
CA PHE B 277 15.09 -11.54 -0.91
C PHE B 277 14.82 -10.28 -1.68
N ALA B 278 14.89 -9.13 -1.01
CA ALA B 278 14.65 -7.89 -1.73
C ALA B 278 15.63 -7.76 -2.89
N LEU B 279 16.92 -8.02 -2.64
CA LEU B 279 17.88 -7.92 -3.73
C LEU B 279 17.62 -8.98 -4.79
N TYR B 280 17.24 -10.19 -4.37
CA TYR B 280 16.81 -11.19 -5.32
C TYR B 280 15.68 -10.64 -6.20
N PHE B 281 14.63 -10.15 -5.58
CA PHE B 281 13.53 -9.69 -6.43
C PHE B 281 13.91 -8.52 -7.29
N LEU B 282 14.76 -7.64 -6.77
CA LEU B 282 15.23 -6.51 -7.57
C LEU B 282 15.98 -6.99 -8.78
N VAL B 283 16.92 -7.91 -8.61
CA VAL B 283 17.68 -8.30 -9.79
C VAL B 283 16.82 -9.14 -10.71
N LYS B 284 15.77 -9.78 -10.20
CA LYS B 284 14.85 -10.50 -11.06
C LYS B 284 13.84 -9.58 -11.73
N ASN B 285 13.75 -8.33 -11.32
CA ASN B 285 12.71 -7.42 -11.81
C ASN B 285 13.37 -6.10 -12.15
N PRO B 286 14.08 -6.04 -13.28
CA PRO B 286 14.85 -4.85 -13.61
C PRO B 286 14.09 -3.55 -13.55
N HIS B 287 12.80 -3.55 -13.93
CA HIS B 287 12.03 -2.33 -13.84
C HIS B 287 11.90 -1.85 -12.41
N VAL B 288 11.66 -2.79 -11.50
CA VAL B 288 11.60 -2.43 -10.09
C VAL B 288 12.96 -1.93 -9.63
N LEU B 289 14.01 -2.58 -10.06
CA LEU B 289 15.39 -2.20 -9.64
C LEU B 289 15.67 -0.78 -10.10
N GLN B 290 15.33 -0.48 -11.33
CA GLN B 290 15.59 0.87 -11.84
C GLN B 290 14.80 1.87 -11.01
N LYS B 291 13.54 1.57 -10.76
CA LYS B 291 12.72 2.49 -9.97
C LYS B 291 13.35 2.62 -8.56
N ALA B 292 13.73 1.52 -7.95
CA ALA B 292 14.33 1.60 -6.62
C ALA B 292 15.65 2.34 -6.69
N ALA B 293 16.45 2.02 -7.68
CA ALA B 293 17.77 2.65 -7.83
C ALA B 293 17.58 4.14 -8.09
N GLU B 294 16.60 4.48 -8.90
CA GLU B 294 16.38 5.91 -9.15
C GLU B 294 16.08 6.62 -7.85
N GLU B 295 15.20 6.04 -7.03
CA GLU B 295 14.86 6.67 -5.77
C GLU B 295 16.08 6.77 -4.86
N ALA B 296 16.85 5.69 -4.78
CA ALA B 296 18.04 5.69 -3.93
C ALA B 296 19.00 6.78 -4.37
N ALA B 297 19.20 6.91 -5.68
CA ALA B 297 20.10 7.94 -6.18
C ALA B 297 19.56 9.33 -5.91
N ARG B 298 18.25 9.52 -6.10
CA ARG B 298 17.66 10.83 -5.89
C ARG B 298 17.64 11.20 -4.42
N VAL B 299 17.35 10.23 -3.55
CA VAL B 299 17.14 10.54 -2.14
C VAL B 299 18.46 10.62 -1.39
N LEU B 300 19.36 9.65 -1.61
CA LEU B 300 20.58 9.53 -0.83
C LEU B 300 21.66 10.44 -1.43
N VAL B 301 21.49 11.73 -1.22
CA VAL B 301 22.37 12.71 -1.86
C VAL B 301 23.65 12.93 -1.08
N ASP B 302 23.75 12.40 0.12
CA ASP B 302 24.95 12.63 0.91
C ASP B 302 25.81 11.37 0.92
N PRO B 303 27.11 11.52 1.20
CA PRO B 303 27.96 10.33 1.26
C PRO B 303 27.46 9.30 2.24
N VAL B 304 26.80 9.77 3.29
CA VAL B 304 26.27 8.96 4.38
C VAL B 304 24.78 9.26 4.43
N PRO B 305 23.91 8.27 4.28
CA PRO B 305 22.49 8.56 4.38
C PRO B 305 22.15 9.05 5.77
N SER B 306 21.28 10.04 5.82
CA SER B 306 20.77 10.48 7.09
C SER B 306 19.53 9.68 7.44
N TYR B 307 19.13 9.76 8.69
CA TYR B 307 17.88 9.13 9.08
C TYR B 307 16.73 9.64 8.23
N LYS B 308 16.66 10.96 8.04
CA LYS B 308 15.56 11.53 7.27
C LYS B 308 15.57 11.04 5.84
N GLN B 309 16.75 10.88 5.26
CA GLN B 309 16.81 10.40 3.89
C GLN B 309 16.27 8.97 3.79
N VAL B 310 16.58 8.12 4.76
CA VAL B 310 16.08 6.76 4.72
C VAL B 310 14.56 6.77 4.72
N LYS B 311 13.95 7.64 5.52
CA LYS B 311 12.49 7.69 5.55
C LYS B 311 11.93 8.06 4.19
N GLN B 312 12.68 8.80 3.38
CA GLN B 312 12.20 9.17 2.07
C GLN B 312 12.30 8.04 1.06
N LEU B 313 12.97 6.93 1.40
CA LEU B 313 13.12 5.82 0.47
C LEU B 313 11.83 5.01 0.43
N LYS B 314 10.79 5.68 -0.06
CA LYS B 314 9.45 5.10 -0.02
C LYS B 314 9.39 3.86 -0.89
N TYR B 315 9.89 3.96 -2.13
CA TYR B 315 9.81 2.82 -3.01
C TYR B 315 10.72 1.71 -2.52
N VAL B 316 11.89 2.06 -1.97
CA VAL B 316 12.70 1.02 -1.34
C VAL B 316 11.88 0.33 -0.28
N GLY B 317 11.13 1.11 0.52
CA GLY B 317 10.25 0.52 1.51
C GLY B 317 9.20 -0.38 0.89
N MET B 318 8.67 0.03 -0.26
CA MET B 318 7.69 -0.82 -0.94
C MET B 318 8.33 -2.10 -1.44
N VAL B 319 9.54 -1.99 -1.97
CA VAL B 319 10.30 -3.17 -2.38
C VAL B 319 10.43 -4.11 -1.20
N LEU B 320 10.82 -3.56 -0.04
CA LEU B 320 11.02 -4.40 1.13
C LEU B 320 9.72 -5.03 1.56
N ASN B 321 8.62 -4.26 1.58
CA ASN B 321 7.35 -4.85 1.95
C ASN B 321 6.94 -5.92 0.97
N GLU B 322 7.19 -5.69 -0.31
CA GLU B 322 6.81 -6.69 -1.28
C GLU B 322 7.70 -7.92 -1.17
N ALA B 323 8.98 -7.74 -0.79
CA ALA B 323 9.79 -8.92 -0.48
C ALA B 323 9.26 -9.64 0.76
N LEU B 324 8.87 -8.87 1.78
CA LEU B 324 8.25 -9.45 2.96
C LEU B 324 6.93 -10.13 2.64
N ARG B 325 6.20 -9.60 1.68
CA ARG B 325 4.94 -10.24 1.32
C ARG B 325 5.23 -11.63 0.79
N LEU B 326 6.12 -11.72 -0.19
CA LEU B 326 6.35 -13.01 -0.83
C LEU B 326 7.08 -13.96 0.09
N TRP B 327 8.12 -13.50 0.78
CA TRP B 327 8.93 -14.39 1.60
C TRP B 327 9.15 -13.75 2.95
N PRO B 328 8.09 -13.66 3.74
CA PRO B 328 8.24 -13.16 5.10
C PRO B 328 9.21 -14.05 5.82
N THR B 329 10.27 -13.44 6.32
CA THR B 329 11.41 -14.23 6.75
C THR B 329 11.23 -14.82 8.14
N ALA B 330 10.26 -14.36 8.93
CA ALA B 330 9.83 -15.09 10.12
C ALA B 330 8.49 -15.67 9.72
N PRO B 331 8.46 -16.83 9.09
CA PRO B 331 7.34 -17.18 8.22
C PRO B 331 6.09 -17.63 8.95
N ALA B 332 6.13 -17.74 10.26
CA ALA B 332 4.94 -18.20 10.93
C ALA B 332 4.93 -17.63 12.33
N PHE B 333 3.75 -17.57 12.90
CA PHE B 333 3.67 -17.35 14.32
C PHE B 333 2.49 -18.15 14.79
N SER B 334 2.48 -18.40 16.08
CA SER B 334 1.58 -19.34 16.68
C SER B 334 0.66 -18.60 17.63
N LEU B 335 -0.56 -19.09 17.71
CA LEU B 335 -1.55 -18.47 18.57
C LEU B 335 -2.27 -19.59 19.31
N TYR B 336 -2.85 -19.24 20.44
CA TYR B 336 -3.74 -20.19 21.10
C TYR B 336 -5.04 -19.47 21.43
N ALA B 337 -6.13 -20.23 21.40
CA ALA B 337 -7.43 -19.64 21.71
C ALA B 337 -7.48 -19.30 23.20
N LYS B 338 -7.74 -18.03 23.52
CA LYS B 338 -7.83 -17.66 24.93
C LYS B 338 -9.02 -18.34 25.59
N GLU B 339 -10.11 -18.54 24.86
CA GLU B 339 -11.28 -19.25 25.35
C GLU B 339 -11.84 -20.11 24.22
N ASP B 340 -12.81 -20.95 24.55
CA ASP B 340 -13.59 -21.59 23.50
C ASP B 340 -14.07 -20.54 22.53
N THR B 341 -13.93 -20.83 21.24
CA THR B 341 -14.33 -19.85 20.24
C THR B 341 -14.47 -20.57 18.91
N VAL B 342 -15.20 -19.94 18.01
CA VAL B 342 -15.44 -20.50 16.69
C VAL B 342 -14.67 -19.64 15.69
N LEU B 343 -13.81 -20.29 14.94
CA LEU B 343 -12.99 -19.63 13.93
C LEU B 343 -13.71 -19.66 12.59
N GLY B 344 -13.89 -18.48 11.99
CA GLY B 344 -14.48 -18.40 10.67
C GLY B 344 -15.91 -18.89 10.58
N GLY B 345 -16.61 -18.96 11.71
CA GLY B 345 -17.97 -19.45 11.73
C GLY B 345 -18.12 -20.94 11.48
N GLU B 346 -17.03 -21.69 11.39
CA GLU B 346 -17.20 -23.11 11.10
C GLU B 346 -16.15 -24.03 11.72
N TYR B 347 -15.15 -23.46 12.39
CA TYR B 347 -14.13 -24.28 13.04
C TYR B 347 -14.17 -24.03 14.54
N PRO B 348 -14.88 -24.87 15.30
CA PRO B 348 -14.90 -24.68 16.75
C PRO B 348 -13.54 -24.97 17.35
N LEU B 349 -13.07 -24.04 18.16
CA LEU B 349 -11.80 -24.17 18.85
C LEU B 349 -12.03 -24.14 20.34
N GLU B 350 -11.41 -25.06 21.04
CA GLU B 350 -11.47 -25.04 22.49
C GLU B 350 -10.33 -24.21 23.05
N LYS B 351 -10.57 -23.67 24.24
CA LYS B 351 -9.53 -22.93 24.97
C LYS B 351 -8.22 -23.68 24.86
N GLY B 352 -7.16 -22.94 24.56
CA GLY B 352 -5.85 -23.52 24.41
C GLY B 352 -5.54 -24.10 23.05
N ASP B 353 -6.53 -24.30 22.18
CA ASP B 353 -6.24 -24.84 20.86
C ASP B 353 -5.29 -23.90 20.15
N GLU B 354 -4.32 -24.49 19.46
CA GLU B 354 -3.24 -23.75 18.84
C GLU B 354 -3.53 -23.47 17.38
N LEU B 355 -3.10 -22.29 16.94
CA LEU B 355 -3.15 -21.91 15.54
C LEU B 355 -1.75 -21.52 15.12
N MET B 356 -1.39 -21.88 13.89
CA MET B 356 -0.17 -21.39 13.25
C MET B 356 -0.62 -20.50 12.11
N VAL B 357 -0.10 -19.27 12.06
CA VAL B 357 -0.37 -18.38 10.94
C VAL B 357 0.76 -18.62 9.94
N LEU B 358 0.43 -19.18 8.79
CA LEU B 358 1.41 -19.44 7.75
C LEU B 358 1.50 -18.16 6.92
N ILE B 359 2.41 -17.29 7.33
CA ILE B 359 2.44 -15.94 6.73
C ILE B 359 2.64 -15.96 5.21
N PRO B 360 3.57 -16.74 4.65
CA PRO B 360 3.73 -16.65 3.18
C PRO B 360 2.46 -17.03 2.45
N GLN B 361 1.64 -17.90 3.04
CA GLN B 361 0.37 -18.26 2.42
C GLN B 361 -0.65 -17.14 2.56
N LEU B 362 -0.77 -16.60 3.77
CA LEU B 362 -1.57 -15.40 3.99
C LEU B 362 -1.24 -14.35 2.94
N HIS B 363 0.03 -14.15 2.69
CA HIS B 363 0.47 -13.15 1.73
C HIS B 363 0.22 -13.53 0.30
N ARG B 364 -0.27 -14.74 0.08
CA ARG B 364 -0.65 -15.20 -1.25
C ARG B 364 -2.15 -15.41 -1.34
N ASP B 365 -2.90 -14.89 -0.39
CA ASP B 365 -4.35 -15.01 -0.39
C ASP B 365 -4.88 -14.19 -1.56
N LYS B 366 -5.25 -14.87 -2.65
CA LYS B 366 -5.66 -14.17 -3.86
C LYS B 366 -6.90 -13.32 -3.61
N THR B 367 -7.73 -13.69 -2.65
CA THR B 367 -8.90 -12.85 -2.36
C THR B 367 -8.50 -11.48 -1.82
N ILE B 368 -7.29 -11.35 -1.30
CA ILE B 368 -6.78 -10.07 -0.84
C ILE B 368 -5.95 -9.37 -1.90
N TRP B 369 -5.02 -10.11 -2.50
CA TRP B 369 -4.00 -9.51 -3.33
C TRP B 369 -4.27 -9.63 -4.82
N GLY B 370 -5.31 -10.35 -5.23
CA GLY B 370 -5.57 -10.58 -6.64
C GLY B 370 -4.87 -11.84 -7.12
N ASP B 371 -5.01 -12.08 -8.43
CA ASP B 371 -4.46 -13.30 -9.01
C ASP B 371 -2.94 -13.29 -9.04
N ASP B 372 -2.34 -12.11 -9.16
CA ASP B 372 -0.90 -12.03 -9.31
C ASP B 372 -0.16 -12.06 -7.98
N VAL B 373 -0.50 -13.00 -7.09
CA VAL B 373 0.13 -12.99 -5.76
C VAL B 373 1.61 -13.34 -5.86
N GLU B 374 1.99 -14.12 -6.87
CA GLU B 374 3.35 -14.59 -7.00
C GLU B 374 4.26 -13.56 -7.65
N GLU B 375 3.68 -12.56 -8.28
CA GLU B 375 4.46 -11.53 -8.93
C GLU B 375 4.99 -10.56 -7.89
N PHE B 376 6.21 -10.10 -8.13
CA PHE B 376 6.86 -9.13 -7.27
C PHE B 376 6.50 -7.77 -7.80
N ARG B 377 5.57 -7.09 -7.14
CA ARG B 377 5.13 -5.77 -7.57
C ARG B 377 5.10 -4.87 -6.36
N PRO B 378 6.19 -4.19 -6.07
CA PRO B 378 6.22 -3.25 -4.94
C PRO B 378 5.10 -2.24 -4.98
N GLU B 379 4.60 -1.96 -6.18
CA GLU B 379 3.54 -0.98 -6.33
C GLU B 379 2.27 -1.39 -5.58
N ARG B 380 2.12 -2.69 -5.25
CA ARG B 380 1.04 -3.09 -4.36
C ARG B 380 1.04 -2.28 -3.10
N PHE B 381 2.21 -1.83 -2.68
CA PHE B 381 2.39 -1.14 -1.43
C PHE B 381 2.53 0.35 -1.62
N GLU B 382 2.22 0.85 -2.82
CA GLU B 382 2.38 2.27 -3.14
C GLU B 382 1.58 3.12 -2.17
N ASN B 383 0.38 2.68 -1.85
CA ASN B 383 -0.46 3.40 -0.92
C ASN B 383 -0.78 2.40 0.17
N PRO B 384 -0.20 2.56 1.36
CA PRO B 384 -0.45 1.59 2.44
C PRO B 384 -1.91 1.44 2.80
N SER B 385 -2.75 2.41 2.43
CA SER B 385 -4.18 2.32 2.70
C SER B 385 -4.83 1.16 1.95
N ALA B 386 -4.24 0.72 0.83
CA ALA B 386 -4.83 -0.33 0.01
C ALA B 386 -4.73 -1.72 0.63
N ILE B 387 -3.99 -1.90 1.71
CA ILE B 387 -3.75 -3.21 2.29
C ILE B 387 -4.81 -3.48 3.35
N PRO B 388 -5.62 -4.53 3.22
CA PRO B 388 -6.63 -4.83 4.24
C PRO B 388 -5.98 -5.16 5.57
N GLN B 389 -6.75 -4.99 6.65
CA GLN B 389 -6.26 -5.35 7.96
C GLN B 389 -5.90 -6.83 8.01
N HIS B 390 -4.74 -7.13 8.58
CA HIS B 390 -4.27 -8.48 8.77
C HIS B 390 -4.05 -9.24 7.47
N ALA B 391 -3.97 -8.55 6.35
CA ALA B 391 -3.58 -9.23 5.11
C ALA B 391 -2.08 -9.41 5.00
N PHE B 392 -1.34 -8.56 5.67
CA PHE B 392 0.10 -8.44 5.48
C PHE B 392 0.65 -8.43 6.89
N LYS B 393 1.21 -9.57 7.31
CA LYS B 393 1.63 -9.76 8.69
C LYS B 393 3.06 -10.28 8.81
N PRO B 394 4.02 -9.71 8.07
CA PRO B 394 5.38 -10.22 8.16
C PRO B 394 5.99 -9.99 9.53
N PHE B 395 5.41 -9.09 10.31
CA PHE B 395 5.93 -8.76 11.63
C PHE B 395 5.01 -9.23 12.73
N GLY B 396 4.16 -10.21 12.43
CA GLY B 396 3.37 -10.81 13.49
C GLY B 396 2.21 -9.90 13.82
N ASN B 397 1.71 -10.04 15.04
CA ASN B 397 0.41 -9.47 15.31
C ASN B 397 0.33 -8.80 16.65
N GLY B 398 -0.30 -7.62 16.65
CA GLY B 398 -0.78 -6.99 17.88
C GLY B 398 0.37 -6.63 18.79
N GLN B 399 0.15 -6.77 20.09
CA GLN B 399 1.18 -6.44 21.06
C GLN B 399 2.34 -7.43 20.99
N ARG B 400 2.14 -8.59 20.40
CA ARG B 400 3.21 -9.56 20.21
C ARG B 400 3.82 -9.43 18.83
N ALA B 401 3.53 -8.34 18.13
CA ALA B 401 4.16 -8.10 16.85
C ALA B 401 5.65 -7.87 17.08
N CYS B 402 6.38 -7.94 15.98
CA CYS B 402 7.81 -7.71 16.02
C CYS B 402 8.11 -6.37 16.64
N ILE B 403 8.83 -6.37 17.77
CA ILE B 403 9.22 -5.08 18.32
C ILE B 403 10.29 -4.41 17.47
N GLY B 404 11.03 -5.21 16.70
CA GLY B 404 12.14 -4.72 15.91
C GLY B 404 11.73 -4.28 14.53
N GLN B 405 10.43 -4.15 14.29
CA GLN B 405 9.96 -3.86 12.94
C GLN B 405 10.58 -2.59 12.39
N GLN B 406 10.52 -1.50 13.16
CA GLN B 406 11.08 -0.24 12.70
C GLN B 406 12.58 -0.35 12.53
N PHE B 407 13.23 -1.02 13.48
CA PHE B 407 14.64 -1.30 13.34
C PHE B 407 14.91 -2.08 12.06
N ALA B 408 14.21 -3.20 11.87
CA ALA B 408 14.48 -4.04 10.70
C ALA B 408 14.25 -3.26 9.43
N LEU B 409 13.16 -2.52 9.35
CA LEU B 409 12.86 -1.80 8.12
C LEU B 409 13.80 -0.63 7.92
N HIS B 410 14.17 0.04 9.00
CA HIS B 410 15.12 1.14 8.86
C HIS B 410 16.46 0.62 8.38
N GLU B 411 16.91 -0.42 9.01
CA GLU B 411 18.16 -1.09 8.59
C GLU B 411 18.04 -1.52 7.13
N ALA B 412 17.00 -2.27 6.81
CA ALA B 412 16.87 -2.82 5.47
C ALA B 412 16.71 -1.71 4.45
N THR B 413 15.95 -0.69 4.77
CA THR B 413 15.79 0.42 3.84
C THR B 413 17.11 1.15 3.64
N LEU B 414 17.77 1.48 4.74
CA LEU B 414 19.06 2.15 4.67
C LEU B 414 20.01 1.33 3.81
N VAL B 415 20.12 0.04 4.11
CA VAL B 415 21.13 -0.76 3.45
C VAL B 415 20.76 -0.97 1.99
N LEU B 416 19.49 -1.30 1.74
CA LEU B 416 19.09 -1.48 0.36
C LEU B 416 19.26 -0.18 -0.40
N GLY B 417 18.92 0.94 0.23
CA GLY B 417 19.10 2.22 -0.43
C GLY B 417 20.55 2.46 -0.76
N MET B 418 21.46 2.16 0.18
CA MET B 418 22.86 2.35 -0.12
C MET B 418 23.32 1.39 -1.19
N MET B 419 22.86 0.15 -1.15
CA MET B 419 23.26 -0.79 -2.20
C MET B 419 22.82 -0.28 -3.55
N LEU B 420 21.58 0.17 -3.64
CA LEU B 420 21.03 0.64 -4.90
C LEU B 420 21.68 1.93 -5.32
N LYS B 421 22.09 2.74 -4.35
CA LYS B 421 22.81 3.95 -4.69
C LYS B 421 24.17 3.61 -5.25
N HIS B 422 24.85 2.65 -4.64
CA HIS B 422 26.27 2.52 -4.91
C HIS B 422 26.62 1.50 -5.98
N PHE B 423 25.70 0.62 -6.35
CA PHE B 423 26.06 -0.46 -7.25
C PHE B 423 24.96 -0.72 -8.26
N ASP B 424 25.38 -1.13 -9.44
CA ASP B 424 24.50 -1.88 -10.31
C ASP B 424 24.71 -3.34 -10.02
N PHE B 425 23.62 -4.08 -9.97
CA PHE B 425 23.68 -5.48 -9.62
C PHE B 425 23.37 -6.33 -10.83
N GLU B 426 24.13 -7.39 -10.97
CA GLU B 426 23.95 -8.33 -12.05
C GLU B 426 23.64 -9.69 -11.45
N ASP B 427 22.55 -10.27 -11.92
CA ASP B 427 22.20 -11.66 -11.62
C ASP B 427 23.01 -12.55 -12.56
N HIS B 428 24.32 -12.58 -12.34
CA HIS B 428 25.25 -13.15 -13.33
C HIS B 428 25.10 -14.65 -13.47
N THR B 429 24.55 -15.34 -12.48
CA THR B 429 24.31 -16.76 -12.63
C THR B 429 22.88 -17.06 -13.05
N ASN B 430 22.06 -16.05 -13.30
CA ASN B 430 20.63 -16.26 -13.45
C ASN B 430 20.13 -17.13 -12.29
N TYR B 431 20.34 -16.61 -11.09
CA TYR B 431 20.15 -17.40 -9.89
C TYR B 431 18.75 -17.98 -9.83
N GLU B 432 18.68 -19.27 -9.55
CA GLU B 432 17.41 -19.95 -9.41
C GLU B 432 17.04 -19.94 -7.93
N LEU B 433 15.92 -19.30 -7.61
CA LEU B 433 15.54 -19.14 -6.22
C LEU B 433 15.49 -20.47 -5.52
N ASP B 434 16.28 -20.57 -4.47
CA ASP B 434 16.38 -21.74 -3.63
C ASP B 434 16.28 -21.22 -2.20
N ILE B 435 15.15 -21.47 -1.55
CA ILE B 435 14.90 -20.86 -0.26
C ILE B 435 15.34 -21.85 0.81
N LYS B 436 16.45 -21.53 1.46
CA LYS B 436 16.87 -22.32 2.59
C LYS B 436 16.04 -21.95 3.80
N GLU B 437 15.62 -22.95 4.54
CA GLU B 437 14.81 -22.75 5.72
C GLU B 437 15.61 -23.13 6.93
N THR B 438 15.77 -22.19 7.84
CA THR B 438 16.10 -22.48 9.22
C THR B 438 14.85 -22.20 10.04
N LEU B 439 14.92 -21.45 11.13
CA LEU B 439 13.67 -20.89 11.59
C LEU B 439 13.22 -19.72 10.73
N THR B 440 14.09 -19.26 9.84
CA THR B 440 13.78 -18.18 8.92
C THR B 440 14.05 -18.67 7.51
N LEU B 441 13.79 -17.80 6.55
CA LEU B 441 13.91 -18.12 5.15
C LEU B 441 14.99 -17.24 4.56
N LYS B 442 15.77 -17.79 3.63
CA LYS B 442 16.73 -16.98 2.92
C LYS B 442 16.95 -17.60 1.55
N PRO B 443 17.30 -16.81 0.54
CA PRO B 443 17.58 -17.38 -0.78
C PRO B 443 18.97 -17.99 -0.81
N GLU B 444 19.06 -19.29 -0.56
CA GLU B 444 20.36 -19.92 -0.44
C GLU B 444 21.14 -19.85 -1.75
N GLY B 445 22.43 -19.57 -1.64
CA GLY B 445 23.30 -19.50 -2.79
C GLY B 445 23.03 -18.30 -3.68
N PHE B 446 22.21 -17.37 -3.22
CA PHE B 446 21.97 -16.17 -4.02
C PHE B 446 23.26 -15.38 -4.12
N VAL B 447 23.68 -15.15 -5.35
CA VAL B 447 24.92 -14.44 -5.65
C VAL B 447 24.62 -13.45 -6.74
N VAL B 448 25.29 -12.31 -6.65
CA VAL B 448 25.20 -11.27 -7.66
C VAL B 448 26.61 -10.73 -7.86
N LYS B 449 26.78 -10.05 -8.97
CA LYS B 449 27.91 -9.20 -9.18
C LYS B 449 27.43 -7.77 -9.03
N ALA B 450 28.23 -6.97 -8.33
CA ALA B 450 27.90 -5.57 -8.12
C ALA B 450 28.97 -4.73 -8.76
N LYS B 451 28.61 -4.01 -9.82
CA LYS B 451 29.49 -3.04 -10.44
C LYS B 451 29.30 -1.72 -9.74
N SER B 452 30.36 -1.24 -9.11
CA SER B 452 30.27 0.01 -8.40
C SER B 452 29.82 1.14 -9.32
N LYS B 453 28.96 1.99 -8.80
CA LYS B 453 28.71 3.24 -9.48
C LYS B 453 29.76 4.28 -9.13
N LYS B 454 30.76 3.90 -8.33
CA LYS B 454 31.92 4.74 -8.00
C LYS B 454 31.51 6.03 -7.29
N ILE B 455 30.47 5.97 -6.50
CA ILE B 455 29.99 7.12 -5.75
C ILE B 455 30.64 7.08 -4.36
N PRO B 456 31.41 8.09 -3.98
CA PRO B 456 32.17 8.00 -2.73
C PRO B 456 31.25 8.00 -1.52
N LEU B 457 31.82 7.57 -0.40
CA LEU B 457 31.17 7.50 0.90
C LEU B 457 31.68 8.60 1.83
C01 I7X C 1 -10.09 21.28 -9.37
C02 I7X C 1 -8.88 21.98 -9.97
C27 I7X C 1 -9.82 19.79 -9.60
C28 I7X C 1 -11.04 18.89 -9.45
C29 I7X C 1 -11.76 19.15 -8.14
C30 I7X C 1 -12.95 18.21 -8.01
C32 I7X C 1 -11.38 16.53 -7.11
C33 I7X C 1 -11.29 15.15 -7.14
C35 I7X C 1 -13.03 15.77 -8.25
N31 I7X C 1 -12.46 16.87 -7.80
N34 I7X C 1 -12.32 14.72 -7.85
O26 I7X C 1 -7.83 21.97 -9.41
N PHE C 2 -8.96 22.62 -11.26
CA PHE C 2 -7.77 23.21 -11.84
C PHE C 2 -7.15 24.37 -11.07
N PHE C 3 -7.93 25.04 -10.08
CA PHE C 3 -7.30 26.16 -9.41
C PHE C 3 -7.99 26.32 -8.06
C01 I7X D 1 9.05 -20.70 13.62
C02 I7X D 1 7.90 -21.43 12.95
C27 I7X D 1 8.90 -19.28 13.05
C28 I7X D 1 10.13 -18.41 13.31
C29 I7X D 1 10.51 -18.40 14.79
C30 I7X D 1 11.70 -17.46 14.99
C32 I7X D 1 10.12 -15.57 15.18
C33 I7X D 1 10.15 -14.22 14.87
C35 I7X D 1 12.03 -15.11 14.29
N31 I7X D 1 11.29 -16.08 14.82
N34 I7X D 1 11.35 -13.98 14.32
O26 I7X D 1 6.80 -21.18 13.30
N PHE D 2 8.14 -22.31 11.83
CA PHE D 2 7.02 -22.94 11.13
C PHE D 2 6.19 -23.89 11.97
N PHE D 3 6.73 -24.33 13.23
CA PHE D 3 5.94 -25.23 14.01
C PHE D 3 6.41 -25.08 15.45
CHA HEM E . -10.03 12.29 -4.16
CHB HEM E . -9.90 11.57 -8.92
CHC HEM E . -13.69 8.64 -8.73
CHD HEM E . -14.17 9.91 -4.11
C1A HEM E . -9.64 12.32 -5.45
C2A HEM E . -8.48 13.00 -5.99
C3A HEM E . -8.44 12.79 -7.31
C4A HEM E . -9.57 11.98 -7.66
CMA HEM E . -7.38 13.32 -8.29
CAA HEM E . -7.47 13.81 -5.18
CBA HEM E . -8.13 15.19 -5.09
CGA HEM E . -7.19 16.13 -4.39
O1A HEM E . -6.05 15.74 -4.09
O2A HEM E . -7.59 17.30 -4.13
C1B HEM E . -10.87 10.68 -9.27
C2B HEM E . -11.04 10.09 -10.56
C3B HEM E . -12.10 9.28 -10.52
C4B HEM E . -12.61 9.33 -9.19
CMB HEM E . -10.14 10.41 -11.77
CAB HEM E . -12.75 8.40 -11.61
CBB HEM E . -12.09 7.92 -12.65
C1C HEM E . -14.16 8.73 -7.46
C2C HEM E . -15.28 7.99 -6.89
C3C HEM E . -15.39 8.36 -5.61
C4C HEM E . -14.34 9.31 -5.33
CMC HEM E . -16.16 6.99 -7.69
CAC HEM E . -16.40 7.92 -4.53
CBC HEM E . -17.39 7.05 -4.73
C1D HEM E . -13.10 10.64 -3.72
C2D HEM E . -12.88 11.16 -2.38
C3D HEM E . -11.73 11.83 -2.41
C4D HEM E . -11.18 11.74 -3.74
CMD HEM E . -13.84 10.99 -1.20
CAD HEM E . -11.04 12.54 -1.25
CBD HEM E . -10.09 11.51 -0.67
CGD HEM E . -9.44 12.08 0.55
O1D HEM E . -8.81 13.15 0.45
O2D HEM E . -9.59 11.47 1.62
NA HEM E . -10.28 11.72 -6.51
NB HEM E . -11.86 10.21 -8.45
NC HEM E . -13.63 9.52 -6.46
ND HEM E . -12.05 11.01 -4.50
FE HEM E . -11.86 10.52 -6.45
CHA HEM F . 8.71 -10.81 16.98
CHB HEM F . 9.29 -10.89 12.19
CHC HEM F . 13.31 -8.25 12.69
CHD HEM F . 12.96 -8.56 17.47
C1A HEM F . 8.53 -11.04 15.65
C2A HEM F . 7.41 -11.73 15.07
C3A HEM F . 7.58 -11.75 13.75
C4A HEM F . 8.80 -11.07 13.45
CMA HEM F . 6.62 -12.38 12.73
CAA HEM F . 6.24 -12.31 15.84
CBA HEM F . 6.73 -13.70 16.26
CGA HEM F . 5.64 -14.45 16.98
O1A HEM F . 4.47 -13.95 17.04
O2A HEM F . 5.91 -15.58 17.46
C1B HEM F . 10.41 -10.16 11.92
C2B HEM F . 10.87 -9.87 10.60
C3B HEM F . 12.00 -9.15 10.75
C4B HEM F . 12.24 -8.94 12.16
CMB HEM F . 10.14 -10.39 9.33
CAB HEM F . 12.92 -8.53 9.69
CBB HEM F . 12.38 -8.25 8.50
C1C HEM F . 13.55 -8.08 14.01
C2C HEM F . 14.61 -7.27 14.58
C3C HEM F . 14.53 -7.39 15.92
C4C HEM F . 13.40 -8.23 16.22
CMC HEM F . 15.65 -6.48 13.74
CAC HEM F . 15.36 -6.75 17.04
CBC HEM F . 16.36 -5.88 16.83
C1D HEM F . 11.78 -9.18 17.72
C2D HEM F . 11.25 -9.42 19.02
C3D HEM F . 10.07 -10.02 18.89
C4D HEM F . 9.81 -10.20 17.49
CMD HEM F . 11.99 -9.00 20.31
CAD HEM F . 9.13 -10.46 20.02
CBD HEM F . 8.20 -9.29 20.24
CGD HEM F . 7.32 -9.59 21.43
O1D HEM F . 6.67 -10.65 21.42
O2D HEM F . 7.30 -8.76 22.38
NA HEM F . 9.37 -10.66 14.62
NB HEM F . 11.26 -9.60 12.84
NC HEM F . 12.84 -8.64 15.05
ND HEM F . 10.87 -9.67 16.80
FE HEM F . 11.02 -9.49 14.81
#